data_5IMY
#
_entry.id   5IMY
#
_cell.length_a   81.894
_cell.length_b   141.713
_cell.length_c   106.732
_cell.angle_alpha   90.00
_cell.angle_beta   90.00
_cell.angle_gamma   90.00
#
_symmetry.space_group_name_H-M   'P 21 21 2'
#
loop_
_entity.id
_entity.type
_entity.pdbx_description
1 polymer Vaginolysin
2 polymer 'CD59 glycoprotein'
3 water water
#
loop_
_entity_poly.entity_id
_entity_poly.type
_entity_poly.pdbx_seq_one_letter_code
_entity_poly.pdbx_strand_id
1 'polypeptide(L)'
;SNAHMAPSAKDSEPATSCAAKKDSLNNYLWDLQYDKTNILARHGETIENKFSSDSFNKNGEFVVVEHQKKNITNTTSNLS
VTSANDDRVYPGALFRADKNLMDNMPSLISANRAPITLSVDLPGFHGGESAVTVQRPTKSSVTSAVNGLVSKWNAQYGAS
HHVAARMQYDSASAQSMNQLKAKFGADFAKIGVPLKIDFDAVHKGEKQTQIVNFKQTYYTVSVDAPDSPADFFAPCTTPD
SLKNRGVDNKRPPVYVSNVAYGRSMYVKFDTTSKSTDFQAAVEAAIKGVEIKPNTEFHRILQNTSVCAVILGGSANGAAK
VCTGNIDTLKALIQEGANLSTSSPAVPIAYTTSFVKDNEVATLQSNSDYIETKVSSYRNGYLTLDHRGAYVARYYIYWDE
YGTEIDGTPYVRSRAWEGNGKYRTAHFNTTIQFKGNVRNLRIKLVEKTGLVWEPWRTVYDRSDLPLVRQRTISNWGTTLW
PRVAETVKND
;
A,B
2 'polypeptide(L)' MLQCYNCPNPTADCKTAVNCSSDFDACLITKAGLQVYNKCWKFEHCNFNDVTTRLRENELTYYCCKKDLCNFNEQLEN C,D
#
# COMPACT_ATOMS: atom_id res chain seq x y z
N THR A 16 -43.44 -4.31 65.05
CA THR A 16 -44.74 -3.75 65.33
C THR A 16 -45.18 -2.81 64.20
N SER A 17 -44.31 -2.58 63.22
CA SER A 17 -44.68 -1.80 62.04
C SER A 17 -43.57 -1.76 60.99
N CYS A 18 -42.93 -0.61 60.79
CA CYS A 18 -42.10 -0.41 59.60
C CYS A 18 -40.77 -1.16 59.73
N ALA A 19 -39.84 -0.83 58.83
CA ALA A 19 -38.75 -1.71 58.40
C ALA A 19 -39.34 -2.60 57.31
N ALA A 20 -39.22 -3.93 57.44
CA ALA A 20 -39.94 -4.85 56.58
C ALA A 20 -39.93 -4.42 55.12
N LYS A 21 -40.62 -3.32 54.83
CA LYS A 21 -40.73 -2.72 53.51
C LYS A 21 -39.37 -2.45 52.87
N LYS A 22 -38.29 -2.50 53.66
CA LYS A 22 -36.97 -2.60 53.08
C LYS A 22 -36.90 -3.75 52.10
N ASP A 23 -37.61 -4.84 52.40
CA ASP A 23 -37.71 -5.96 51.48
C ASP A 23 -38.26 -5.50 50.12
N SER A 24 -39.29 -4.65 50.13
CA SER A 24 -39.93 -4.24 48.89
C SER A 24 -38.99 -3.39 48.03
N LEU A 25 -38.27 -2.46 48.66
CA LEU A 25 -37.31 -1.66 47.91
C LEU A 25 -36.20 -2.53 47.33
N ASN A 26 -35.80 -3.56 48.07
CA ASN A 26 -34.74 -4.45 47.60
C ASN A 26 -35.19 -5.22 46.36
N ASN A 27 -36.46 -5.63 46.31
CA ASN A 27 -36.95 -6.37 45.15
C ASN A 27 -37.06 -5.47 43.94
N TYR A 28 -37.44 -4.20 44.13
CA TYR A 28 -37.57 -3.30 43.00
C TYR A 28 -36.21 -3.01 42.36
N LEU A 29 -35.18 -2.78 43.19
CA LEU A 29 -33.86 -2.49 42.64
C LEU A 29 -33.21 -3.73 42.05
N TRP A 30 -33.49 -4.91 42.61
CA TRP A 30 -32.93 -6.15 42.07
C TRP A 30 -33.60 -6.56 40.77
N ASP A 31 -34.89 -6.27 40.62
CA ASP A 31 -35.65 -6.74 39.47
C ASP A 31 -35.67 -5.73 38.32
N LEU A 32 -34.86 -4.67 38.40
CA LEU A 32 -34.70 -3.79 37.25
C LEU A 32 -34.08 -4.57 36.09
N GLN A 33 -34.64 -4.37 34.90
CA GLN A 33 -34.21 -5.08 33.70
C GLN A 33 -33.69 -4.07 32.68
N TYR A 34 -32.37 -4.03 32.51
CA TYR A 34 -31.76 -3.19 31.50
C TYR A 34 -30.54 -3.91 30.91
N ASP A 35 -30.14 -3.45 29.73
CA ASP A 35 -28.94 -3.94 29.07
C ASP A 35 -27.80 -3.03 29.48
N LYS A 36 -26.96 -3.49 30.42
CA LYS A 36 -26.01 -2.57 31.03
C LYS A 36 -25.01 -1.99 30.03
N THR A 37 -24.97 -2.47 28.79
CA THR A 37 -24.08 -1.87 27.80
C THR A 37 -24.76 -0.72 27.07
N ASN A 38 -25.83 -1.01 26.33
CA ASN A 38 -26.48 0.04 25.54
C ASN A 38 -27.10 1.12 26.42
N ILE A 39 -27.25 0.88 27.72
CA ILE A 39 -27.85 1.90 28.58
C ILE A 39 -26.92 3.09 28.72
N LEU A 40 -25.62 2.88 28.62
CA LEU A 40 -24.62 3.95 28.78
C LEU A 40 -23.77 4.11 27.52
N ALA A 41 -24.29 3.73 26.37
CA ALA A 41 -23.55 3.85 25.12
C ALA A 41 -23.87 5.16 24.42
N ARG A 42 -22.85 5.78 23.84
CA ARG A 42 -22.98 7.02 23.10
C ARG A 42 -22.56 6.79 21.66
N HIS A 43 -23.19 7.53 20.74
CA HIS A 43 -22.93 7.36 19.31
C HIS A 43 -22.77 8.72 18.66
N GLY A 44 -21.69 8.88 17.90
CA GLY A 44 -21.39 10.12 17.21
C GLY A 44 -21.92 10.15 15.79
N GLU A 45 -21.25 10.91 14.95
CA GLU A 45 -21.67 11.06 13.55
C GLU A 45 -21.32 9.80 12.75
N THR A 46 -21.99 9.65 11.62
CA THR A 46 -21.71 8.58 10.68
C THR A 46 -21.12 9.16 9.40
N ILE A 47 -20.27 8.37 8.74
CA ILE A 47 -19.58 8.80 7.53
C ILE A 47 -19.45 7.61 6.60
N GLU A 48 -19.45 7.88 5.30
CA GLU A 48 -19.28 6.84 4.30
C GLU A 48 -17.79 6.55 4.07
N ASN A 49 -17.52 5.45 3.36
CA ASN A 49 -16.24 4.76 3.43
C ASN A 49 -15.09 5.46 2.70
N LYS A 50 -15.30 6.66 2.15
CA LYS A 50 -14.28 7.48 1.48
C LYS A 50 -12.83 7.03 1.61
N PHE A 51 -12.07 7.13 0.51
CA PHE A 51 -10.63 6.94 0.51
C PHE A 51 -10.02 7.90 -0.51
N SER A 52 -9.08 8.74 -0.05
CA SER A 52 -8.48 9.75 -0.91
C SER A 52 -6.97 9.79 -0.70
N SER A 53 -6.27 10.30 -1.71
CA SER A 53 -4.84 10.55 -1.63
C SER A 53 -4.50 11.76 -2.49
N ASP A 54 -3.45 12.47 -2.07
CA ASP A 54 -2.93 13.59 -2.84
C ASP A 54 -1.46 13.77 -2.47
N SER A 55 -0.78 14.64 -3.20
CA SER A 55 0.65 14.79 -3.03
C SER A 55 1.09 16.19 -3.43
N PHE A 56 2.27 16.57 -2.93
CA PHE A 56 2.95 17.80 -3.32
C PHE A 56 4.45 17.58 -3.17
N ASN A 57 5.23 18.59 -3.57
CA ASN A 57 6.69 18.44 -3.71
C ASN A 57 7.41 19.64 -3.09
N LYS A 58 7.39 19.73 -1.76
CA LYS A 58 8.19 20.75 -1.08
C LYS A 58 9.65 20.58 -1.47
N ASN A 59 10.21 21.61 -2.11
CA ASN A 59 11.53 21.57 -2.75
C ASN A 59 11.89 20.15 -3.18
N GLY A 60 12.56 19.39 -2.32
CA GLY A 60 12.72 17.96 -2.56
C GLY A 60 11.51 17.21 -2.03
N GLU A 61 11.68 16.55 -0.89
CA GLU A 61 10.61 15.97 -0.10
C GLU A 61 9.31 15.75 -0.87
N PHE A 62 9.04 14.51 -1.27
CA PHE A 62 7.78 14.16 -1.92
C PHE A 62 6.80 13.69 -0.86
N VAL A 63 5.78 14.50 -0.59
CA VAL A 63 4.85 14.27 0.51
C VAL A 63 3.56 13.68 -0.03
N VAL A 64 3.11 12.58 0.57
CA VAL A 64 1.81 11.99 0.28
C VAL A 64 0.94 12.11 1.52
N VAL A 65 -0.30 12.56 1.34
CA VAL A 65 -1.31 12.55 2.39
C VAL A 65 -2.44 11.63 1.93
N GLU A 66 -2.88 10.74 2.81
CA GLU A 66 -3.93 9.78 2.47
C GLU A 66 -5.01 9.84 3.53
N HIS A 67 -6.25 10.03 3.08
CA HIS A 67 -7.41 10.11 3.94
C HIS A 67 -8.26 8.86 3.77
N GLN A 68 -8.75 8.32 4.87
CA GLN A 68 -9.60 7.14 4.81
C GLN A 68 -10.52 7.15 6.02
N LYS A 69 -11.75 6.67 5.82
CA LYS A 69 -12.76 6.70 6.86
C LYS A 69 -12.52 5.57 7.85
N LYS A 70 -12.37 5.93 9.12
CA LYS A 70 -12.19 4.97 10.21
C LYS A 70 -13.31 5.14 11.23
N ASN A 71 -13.25 4.31 12.26
CA ASN A 71 -14.17 4.39 13.39
C ASN A 71 -13.40 4.13 14.66
N ILE A 72 -13.73 4.90 15.71
CA ILE A 72 -13.17 4.70 17.03
C ILE A 72 -14.29 4.26 17.97
N THR A 73 -14.05 3.20 18.72
CA THR A 73 -14.94 2.77 19.78
C THR A 73 -14.14 2.69 21.08
N ASN A 74 -14.67 3.30 22.13
CA ASN A 74 -13.97 3.37 23.41
C ASN A 74 -14.92 2.96 24.52
N THR A 75 -14.44 2.09 25.41
CA THR A 75 -15.20 1.66 26.57
C THR A 75 -14.35 1.88 27.80
N THR A 76 -14.85 2.68 28.74
CA THR A 76 -14.10 3.00 29.94
C THR A 76 -15.06 3.12 31.12
N SER A 77 -14.52 2.87 32.32
CA SER A 77 -15.25 3.09 33.56
C SER A 77 -14.60 4.15 34.42
N ASN A 78 -13.56 4.82 33.91
CA ASN A 78 -12.77 5.78 34.67
C ASN A 78 -13.07 7.16 34.11
N LEU A 79 -14.10 7.81 34.67
CA LEU A 79 -14.57 9.09 34.17
C LEU A 79 -13.80 10.23 34.80
N SER A 80 -13.58 11.29 34.00
CA SER A 80 -12.80 12.43 34.44
C SER A 80 -13.62 13.34 35.36
N VAL A 81 -12.94 13.92 36.34
CA VAL A 81 -13.52 14.93 37.22
C VAL A 81 -13.14 16.30 36.66
N THR A 82 -14.11 17.20 36.58
CA THR A 82 -13.91 18.53 36.02
C THR A 82 -14.47 19.57 36.97
N SER A 83 -14.18 20.84 36.65
CA SER A 83 -14.79 21.94 37.40
C SER A 83 -16.30 21.92 37.29
N ALA A 84 -16.82 21.47 36.15
CA ALA A 84 -18.25 21.52 35.90
C ALA A 84 -19.03 20.47 36.68
N ASN A 85 -18.44 19.29 36.91
CA ASN A 85 -19.14 18.21 37.59
C ASN A 85 -18.64 17.93 39.00
N ASP A 86 -17.58 18.61 39.44
CA ASP A 86 -17.06 18.38 40.78
C ASP A 86 -18.15 18.57 41.84
N ASP A 87 -19.15 19.39 41.55
CA ASP A 87 -20.24 19.62 42.50
C ASP A 87 -20.98 18.33 42.83
N ARG A 88 -21.11 17.42 41.86
CA ARG A 88 -21.96 16.24 42.01
C ARG A 88 -21.17 14.95 42.00
N VAL A 89 -19.84 15.01 42.10
CA VAL A 89 -19.00 13.83 42.09
C VAL A 89 -18.37 13.71 43.47
N TYR A 90 -18.81 12.71 44.22
CA TYR A 90 -18.20 12.38 45.50
C TYR A 90 -18.44 10.91 45.78
N PRO A 91 -17.55 10.27 46.54
CA PRO A 91 -17.81 8.88 46.95
C PRO A 91 -19.17 8.75 47.61
N GLY A 92 -20.03 7.88 47.07
CA GLY A 92 -21.35 7.65 47.63
C GLY A 92 -22.49 8.39 46.95
N ALA A 93 -22.21 9.18 45.92
CA ALA A 93 -23.28 9.90 45.23
C ALA A 93 -24.07 8.95 44.34
N LEU A 94 -25.35 9.27 44.17
CA LEU A 94 -26.26 8.49 43.34
C LEU A 94 -26.60 9.26 42.08
N PHE A 95 -26.50 8.61 40.93
CA PHE A 95 -26.91 9.17 39.65
C PHE A 95 -27.86 8.21 38.96
N ARG A 96 -28.46 8.70 37.88
CA ARG A 96 -29.12 7.85 36.91
C ARG A 96 -28.15 7.57 35.77
N ALA A 97 -28.14 6.32 35.31
CA ALA A 97 -27.38 5.95 34.12
C ALA A 97 -28.14 6.49 32.91
N ASP A 98 -28.01 7.78 32.69
CA ASP A 98 -28.82 8.49 31.70
C ASP A 98 -27.89 9.29 30.78
N LYS A 99 -28.48 10.25 30.06
CA LYS A 99 -27.71 11.05 29.11
C LYS A 99 -26.75 11.98 29.81
N ASN A 100 -27.13 12.52 30.96
CA ASN A 100 -26.26 13.45 31.68
C ASN A 100 -24.96 12.76 32.08
N LEU A 101 -25.05 11.56 32.65
CA LEU A 101 -23.84 10.83 33.02
C LEU A 101 -22.98 10.56 31.80
N MET A 102 -23.60 10.20 30.67
CA MET A 102 -22.84 9.96 29.45
C MET A 102 -22.14 11.22 28.97
N ASP A 103 -22.69 12.40 29.28
CA ASP A 103 -22.06 13.66 28.95
C ASP A 103 -21.10 14.15 30.02
N ASN A 104 -20.92 13.36 31.09
CA ASN A 104 -20.02 13.71 32.20
C ASN A 104 -20.55 14.89 33.02
N MET A 105 -21.87 15.06 33.03
CA MET A 105 -22.53 16.07 33.87
C MET A 105 -23.64 15.41 34.66
N PRO A 106 -23.31 14.41 35.48
CA PRO A 106 -24.36 13.64 36.15
C PRO A 106 -25.16 14.50 37.11
N SER A 107 -26.45 14.19 37.21
CA SER A 107 -27.35 14.82 38.16
C SER A 107 -27.65 13.86 39.30
N LEU A 108 -27.70 14.39 40.51
CA LEU A 108 -27.93 13.56 41.67
C LEU A 108 -29.36 13.05 41.71
N ILE A 109 -29.56 11.95 42.42
CA ILE A 109 -30.88 11.45 42.78
C ILE A 109 -31.16 11.92 44.19
N SER A 110 -32.10 12.85 44.35
CA SER A 110 -32.47 13.34 45.66
C SER A 110 -33.31 12.27 46.35
N ALA A 111 -32.88 11.86 47.54
CA ALA A 111 -33.60 10.85 48.30
C ALA A 111 -33.05 10.85 49.72
N ASN A 112 -33.86 10.36 50.64
CA ASN A 112 -33.40 10.23 52.02
C ASN A 112 -32.35 9.13 52.09
N ARG A 113 -31.13 9.50 52.43
CA ARG A 113 -29.99 8.59 52.41
C ARG A 113 -29.70 8.02 53.79
N ALA A 114 -28.96 6.92 53.80
CA ALA A 114 -28.44 6.32 55.01
C ALA A 114 -26.96 6.63 55.16
N PRO A 115 -26.41 6.48 56.37
CA PRO A 115 -24.97 6.66 56.53
C PRO A 115 -24.20 5.72 55.60
N ILE A 116 -22.98 6.13 55.26
CA ILE A 116 -22.13 5.37 54.36
C ILE A 116 -20.69 5.44 54.84
N THR A 117 -19.95 4.37 54.65
CA THR A 117 -18.58 4.26 55.12
C THR A 117 -17.62 4.39 53.95
N LEU A 118 -16.69 5.32 54.06
CA LEU A 118 -15.66 5.53 53.06
C LEU A 118 -14.32 4.96 53.55
N SER A 119 -13.46 4.63 52.59
CA SER A 119 -12.13 4.15 52.91
C SER A 119 -11.12 4.74 51.94
N VAL A 120 -9.90 4.94 52.44
CA VAL A 120 -8.80 5.48 51.65
C VAL A 120 -7.66 4.48 51.68
N ASP A 121 -7.02 4.28 50.53
CA ASP A 121 -6.02 3.22 50.37
C ASP A 121 -4.61 3.72 50.59
N LEU A 122 -4.39 4.56 51.62
CA LEU A 122 -3.07 5.11 51.87
C LEU A 122 -2.23 4.14 52.70
N PRO A 123 -0.92 4.06 52.44
CA PRO A 123 -0.09 3.12 53.20
C PRO A 123 0.09 3.57 54.64
N GLY A 124 0.33 2.60 55.51
CA GLY A 124 0.28 2.83 56.94
C GLY A 124 -1.04 2.34 57.48
N PHE A 125 -1.60 3.06 58.46
CA PHE A 125 -2.95 2.79 58.95
C PHE A 125 -3.06 1.41 59.59
N HIS A 126 -4.07 1.23 60.42
CA HIS A 126 -4.47 -0.08 60.92
C HIS A 126 -5.90 -0.36 60.50
N GLY A 127 -6.32 -1.62 60.70
CA GLY A 127 -7.70 -1.97 60.43
C GLY A 127 -8.66 -1.03 61.11
N GLY A 128 -9.62 -0.48 60.36
CA GLY A 128 -10.56 0.48 60.88
C GLY A 128 -10.05 1.91 60.93
N GLU A 129 -8.74 2.11 60.85
CA GLU A 129 -8.19 3.46 60.93
C GLU A 129 -8.38 4.23 59.61
N SER A 130 -8.30 3.52 58.48
CA SER A 130 -8.35 4.17 57.17
C SER A 130 -9.77 4.45 56.69
N ALA A 131 -10.79 4.19 57.51
CA ALA A 131 -12.17 4.39 57.12
C ALA A 131 -12.84 5.41 58.03
N VAL A 132 -13.89 6.04 57.51
CA VAL A 132 -14.69 6.98 58.27
C VAL A 132 -16.13 6.87 57.79
N THR A 133 -17.06 7.00 58.73
CA THR A 133 -18.47 6.98 58.42
C THR A 133 -18.97 8.41 58.23
N VAL A 134 -19.85 8.60 57.25
CA VAL A 134 -20.47 9.89 56.98
C VAL A 134 -21.97 9.74 57.19
N GLN A 135 -22.50 10.46 58.16
CA GLN A 135 -23.94 10.47 58.41
C GLN A 135 -24.62 11.35 57.37
N ARG A 136 -25.46 10.75 56.53
CA ARG A 136 -26.07 11.51 55.45
C ARG A 136 -24.98 12.07 54.54
N PRO A 137 -24.55 11.33 53.51
CA PRO A 137 -23.49 11.83 52.64
C PRO A 137 -24.00 12.89 51.67
N THR A 138 -23.28 14.00 51.60
CA THR A 138 -23.49 15.04 50.60
C THR A 138 -22.12 15.50 50.11
N LYS A 139 -22.11 16.40 49.12
CA LYS A 139 -20.84 16.84 48.56
C LYS A 139 -19.92 17.41 49.64
N SER A 140 -20.45 18.33 50.47
CA SER A 140 -19.63 18.96 51.48
C SER A 140 -19.34 18.02 52.65
N SER A 141 -20.28 17.13 52.97
CA SER A 141 -20.08 16.21 54.09
C SER A 141 -19.07 15.13 53.73
N VAL A 142 -19.06 14.69 52.46
CA VAL A 142 -18.09 13.70 52.03
C VAL A 142 -16.73 14.35 51.80
N THR A 143 -16.70 15.55 51.22
CA THR A 143 -15.43 16.23 51.02
C THR A 143 -14.74 16.50 52.34
N SER A 144 -15.48 17.05 53.30
CA SER A 144 -14.90 17.29 54.63
C SER A 144 -14.42 15.99 55.26
N ALA A 145 -15.18 14.91 55.10
CA ALA A 145 -14.75 13.62 55.63
C ALA A 145 -13.44 13.17 54.98
N VAL A 146 -13.33 13.33 53.66
CA VAL A 146 -12.09 12.98 52.97
C VAL A 146 -10.94 13.85 53.48
N ASN A 147 -11.14 15.17 53.46
CA ASN A 147 -10.11 16.09 53.95
C ASN A 147 -9.71 15.80 55.38
N GLY A 148 -10.57 15.14 56.15
CA GLY A 148 -10.22 14.79 57.52
C GLY A 148 -9.39 13.54 57.63
N LEU A 149 -9.54 12.61 56.69
CA LEU A 149 -8.73 11.40 56.68
C LEU A 149 -7.32 11.68 56.20
N VAL A 150 -7.18 12.44 55.12
CA VAL A 150 -5.86 12.78 54.61
C VAL A 150 -5.09 13.60 55.64
N SER A 151 -5.77 14.54 56.28
CA SER A 151 -5.14 15.34 57.33
C SER A 151 -4.63 14.45 58.47
N LYS A 152 -5.39 13.41 58.80
CA LYS A 152 -4.95 12.50 59.86
C LYS A 152 -3.79 11.63 59.40
N TRP A 153 -3.82 11.19 58.14
CA TRP A 153 -2.72 10.39 57.62
C TRP A 153 -1.43 11.20 57.52
N ASN A 154 -1.53 12.43 57.02
CA ASN A 154 -0.34 13.27 56.89
C ASN A 154 0.32 13.54 58.23
N ALA A 155 -0.47 13.60 59.31
CA ALA A 155 0.09 13.89 60.62
C ALA A 155 0.70 12.65 61.26
N GLN A 156 0.11 11.48 61.06
CA GLN A 156 0.60 10.25 61.66
C GLN A 156 1.64 9.55 60.82
N TYR A 157 1.56 9.64 59.49
CA TYR A 157 2.43 8.90 58.60
C TYR A 157 3.04 9.73 57.48
N GLY A 158 2.71 11.02 57.39
CA GLY A 158 3.32 11.88 56.40
C GLY A 158 4.82 11.86 56.48
N ALA A 159 5.36 12.17 57.66
CA ALA A 159 6.81 12.07 57.87
C ALA A 159 7.33 10.70 57.44
N SER A 160 6.56 9.66 57.73
CA SER A 160 6.98 8.30 57.41
C SER A 160 6.85 8.02 55.92
N HIS A 161 5.68 7.56 55.47
CA HIS A 161 5.57 6.93 54.16
C HIS A 161 5.61 7.96 53.04
N HIS A 162 6.42 7.69 52.03
CA HIS A 162 6.45 8.46 50.79
C HIS A 162 5.72 7.66 49.72
N VAL A 163 4.67 8.25 49.14
CA VAL A 163 3.77 7.55 48.24
C VAL A 163 4.02 8.05 46.82
N ALA A 164 4.24 7.11 45.90
CA ALA A 164 4.39 7.42 44.50
C ALA A 164 3.07 7.15 43.78
N ALA A 165 2.76 8.01 42.81
CA ALA A 165 1.50 7.92 42.11
C ALA A 165 1.52 6.77 41.11
N ARG A 166 0.44 5.99 41.08
CA ARG A 166 0.19 5.12 39.94
C ARG A 166 -0.19 5.98 38.74
N MET A 167 0.56 5.85 37.66
CA MET A 167 0.35 6.68 36.49
C MET A 167 -0.29 5.86 35.39
N GLN A 168 -1.24 6.48 34.69
CA GLN A 168 -1.90 5.87 33.54
C GLN A 168 -2.14 6.97 32.52
N TYR A 169 -1.99 6.62 31.24
CA TYR A 169 -2.15 7.61 30.19
C TYR A 169 -2.93 6.99 29.03
N ASP A 170 -3.71 7.83 28.36
CA ASP A 170 -4.46 7.44 27.18
C ASP A 170 -4.08 8.37 26.04
N SER A 171 -3.69 7.79 24.92
CA SER A 171 -3.21 8.54 23.77
C SER A 171 -4.20 8.45 22.62
N ALA A 172 -4.13 9.42 21.72
CA ALA A 172 -4.94 9.41 20.51
C ALA A 172 -4.41 10.46 19.56
N SER A 173 -4.44 10.13 18.27
CA SER A 173 -4.06 11.10 17.24
C SER A 173 -5.18 12.13 17.07
N ALA A 174 -4.80 13.40 16.98
CA ALA A 174 -5.77 14.47 16.79
C ALA A 174 -6.25 14.44 15.34
N GLN A 175 -7.49 14.04 15.15
CA GLN A 175 -8.10 13.92 13.82
C GLN A 175 -9.41 14.68 13.69
N SER A 176 -10.27 14.62 14.71
CA SER A 176 -11.52 15.39 14.70
C SER A 176 -11.99 15.54 16.13
N MET A 177 -12.68 16.65 16.39
CA MET A 177 -13.20 16.89 17.73
C MET A 177 -14.18 15.81 18.16
N ASN A 178 -14.77 15.08 17.21
CA ASN A 178 -15.74 14.06 17.55
C ASN A 178 -15.07 12.75 17.97
N GLN A 179 -14.01 12.33 17.28
CA GLN A 179 -13.33 11.11 17.68
C GLN A 179 -12.58 11.31 19.00
N LEU A 180 -12.08 12.52 19.26
CA LEU A 180 -11.43 12.79 20.53
C LEU A 180 -12.45 12.86 21.67
N LYS A 181 -13.64 13.39 21.41
CA LYS A 181 -14.70 13.34 22.40
C LYS A 181 -15.05 11.90 22.74
N ALA A 182 -14.98 11.00 21.76
CA ALA A 182 -15.24 9.59 22.01
C ALA A 182 -14.11 8.94 22.80
N LYS A 183 -12.88 9.44 22.64
CA LYS A 183 -11.75 8.89 23.38
C LYS A 183 -11.66 9.46 24.79
N PHE A 184 -11.85 10.77 24.94
CA PHE A 184 -11.54 11.46 26.17
C PHE A 184 -12.76 12.01 26.91
N GLY A 185 -13.96 11.87 26.35
CA GLY A 185 -15.15 12.29 27.05
C GLY A 185 -15.99 13.29 26.27
N ALA A 186 -17.31 13.23 26.46
CA ALA A 186 -18.22 14.10 25.73
C ALA A 186 -17.89 15.58 25.93
N ASP A 187 -17.19 15.92 27.01
CA ASP A 187 -16.84 17.31 27.30
C ASP A 187 -15.38 17.63 26.98
N PHE A 188 -14.76 16.88 26.06
CA PHE A 188 -13.37 17.17 25.70
C PHE A 188 -13.26 18.57 25.10
N ALA A 189 -14.08 18.87 24.08
CA ALA A 189 -14.29 20.25 23.72
C ALA A 189 -14.64 21.04 24.97
N LYS A 190 -14.16 22.28 25.03
CA LYS A 190 -14.12 23.09 26.26
C LYS A 190 -12.85 22.75 27.03
N ILE A 191 -12.66 21.47 27.35
CA ILE A 191 -11.47 21.06 28.07
C ILE A 191 -10.23 21.15 27.19
N GLY A 192 -10.40 21.09 25.87
CA GLY A 192 -9.27 20.97 24.96
C GLY A 192 -8.96 22.19 24.12
N VAL A 193 -9.80 23.22 24.18
CA VAL A 193 -9.53 24.44 23.41
C VAL A 193 -8.29 25.15 23.95
N PRO A 194 -7.89 24.97 25.21
CA PRO A 194 -6.61 25.57 25.64
C PRO A 194 -5.40 25.00 24.93
N LEU A 195 -5.49 23.78 24.39
CA LEU A 195 -4.41 23.22 23.59
C LEU A 195 -4.44 23.70 22.14
N LYS A 196 -5.38 24.58 21.80
CA LYS A 196 -5.52 25.14 20.46
C LYS A 196 -5.15 24.14 19.37
N ILE A 197 -5.97 23.12 19.19
CA ILE A 197 -5.71 22.09 18.19
C ILE A 197 -6.02 22.66 16.81
N ASP A 198 -5.19 22.31 15.83
CA ASP A 198 -5.38 22.71 14.44
C ASP A 198 -5.64 21.45 13.62
N PHE A 199 -6.92 21.17 13.37
CA PHE A 199 -7.28 19.95 12.63
C PHE A 199 -6.98 20.11 11.15
N ASP A 200 -7.31 21.28 10.57
CA ASP A 200 -7.05 21.50 9.15
C ASP A 200 -5.58 21.27 8.82
N ALA A 201 -4.68 21.63 9.74
CA ALA A 201 -3.25 21.44 9.51
C ALA A 201 -2.89 19.96 9.49
N VAL A 202 -3.56 19.14 10.29
CA VAL A 202 -3.25 17.71 10.32
C VAL A 202 -3.66 17.06 9.00
N HIS A 203 -4.88 17.34 8.54
CA HIS A 203 -5.41 16.69 7.35
C HIS A 203 -4.76 17.20 6.07
N LYS A 204 -4.14 18.37 6.11
CA LYS A 204 -3.32 18.85 4.99
C LYS A 204 -1.91 18.30 5.00
N GLY A 205 -1.57 17.47 5.99
CA GLY A 205 -0.21 17.01 6.13
C GLY A 205 0.77 18.06 6.61
N GLU A 206 0.28 19.23 7.02
CA GLU A 206 1.17 20.24 7.57
C GLU A 206 1.74 19.83 8.92
N LYS A 207 0.92 19.14 9.73
CA LYS A 207 1.32 18.75 11.07
C LYS A 207 0.92 17.31 11.34
N GLN A 208 1.62 16.70 12.30
CA GLN A 208 1.16 15.51 13.00
C GLN A 208 0.99 15.88 14.46
N THR A 209 -0.11 15.45 15.06
CA THR A 209 -0.44 15.86 16.42
C THR A 209 -0.89 14.66 17.24
N GLN A 210 -0.47 14.62 18.50
CA GLN A 210 -0.84 13.58 19.44
C GLN A 210 -1.42 14.21 20.68
N ILE A 211 -2.54 13.68 21.16
CA ILE A 211 -3.20 14.14 22.37
C ILE A 211 -3.11 13.03 23.40
N VAL A 212 -2.70 13.37 24.63
CA VAL A 212 -2.46 12.39 25.67
C VAL A 212 -2.99 12.94 26.99
N ASN A 213 -3.81 12.15 27.67
CA ASN A 213 -4.32 12.48 29.00
C ASN A 213 -3.47 11.73 30.02
N PHE A 214 -2.80 12.48 30.90
CA PHE A 214 -2.00 11.90 31.96
C PHE A 214 -2.74 12.00 33.28
N LYS A 215 -2.86 10.87 33.98
CA LYS A 215 -3.50 10.82 35.29
C LYS A 215 -2.51 10.23 36.27
N GLN A 216 -2.15 11.01 37.29
CA GLN A 216 -1.28 10.57 38.37
C GLN A 216 -2.14 10.45 39.62
N THR A 217 -2.36 9.22 40.07
CA THR A 217 -3.22 8.94 41.22
C THR A 217 -2.35 8.70 42.44
N TYR A 218 -2.53 9.54 43.47
CA TYR A 218 -1.85 9.32 44.75
C TYR A 218 -2.60 8.31 45.60
N TYR A 219 -3.92 8.45 45.67
CA TYR A 219 -4.74 7.56 46.50
C TYR A 219 -6.17 7.59 45.98
N THR A 220 -6.94 6.61 46.43
CA THR A 220 -8.33 6.44 46.00
C THR A 220 -9.22 6.35 47.23
N VAL A 221 -10.31 7.11 47.22
CA VAL A 221 -11.34 7.03 48.26
C VAL A 221 -12.45 6.15 47.71
N SER A 222 -12.74 5.06 48.44
CA SER A 222 -13.66 4.05 47.97
C SER A 222 -14.83 3.89 48.94
N VAL A 223 -15.92 3.34 48.42
CA VAL A 223 -17.14 3.09 49.19
C VAL A 223 -17.18 1.61 49.56
N ASP A 224 -17.67 1.33 50.76
CA ASP A 224 -17.76 -0.04 51.24
C ASP A 224 -18.98 -0.75 50.64
N ALA A 225 -18.90 -2.08 50.63
CA ALA A 225 -20.01 -2.91 50.18
C ALA A 225 -21.28 -2.52 50.93
N PRO A 226 -22.35 -2.13 50.25
CA PRO A 226 -23.59 -1.76 50.93
C PRO A 226 -24.39 -2.93 51.51
N ASP A 227 -23.89 -4.16 51.46
CA ASP A 227 -24.61 -5.31 52.01
C ASP A 227 -25.91 -5.56 51.24
N SER A 228 -26.80 -4.57 51.22
CA SER A 228 -28.07 -4.68 50.51
C SER A 228 -28.33 -3.39 49.73
N PRO A 229 -28.85 -3.49 48.50
CA PRO A 229 -29.12 -2.26 47.74
C PRO A 229 -30.16 -1.37 48.39
N ALA A 230 -31.17 -1.95 49.04
CA ALA A 230 -31.97 -1.15 49.97
C ALA A 230 -31.06 -0.61 51.06
N ASP A 231 -31.38 0.57 51.55
CA ASP A 231 -30.39 1.37 52.24
C ASP A 231 -29.35 1.81 51.21
N PHE A 232 -28.49 2.75 51.58
CA PHE A 232 -28.17 3.90 50.74
C PHE A 232 -29.22 4.93 51.09
N PHE A 233 -30.46 4.46 51.19
CA PHE A 233 -31.63 5.28 51.48
C PHE A 233 -32.10 5.09 52.92
N ALA A 234 -33.08 5.90 53.32
CA ALA A 234 -33.63 5.89 54.67
C ALA A 234 -34.35 4.56 54.95
N PRO A 235 -34.78 4.33 56.19
CA PRO A 235 -35.45 3.06 56.52
C PRO A 235 -36.79 2.79 55.83
N CYS A 236 -37.72 3.73 55.86
CA CYS A 236 -39.09 3.49 55.34
C CYS A 236 -39.26 4.20 54.00
N THR A 237 -38.52 3.69 53.01
CA THR A 237 -38.26 4.44 51.78
C THR A 237 -39.24 4.19 50.65
N THR A 238 -39.95 3.06 50.64
CA THR A 238 -40.87 2.64 49.59
C THR A 238 -40.28 2.78 48.18
N PRO A 239 -40.35 1.74 47.35
CA PRO A 239 -39.75 1.84 46.01
C PRO A 239 -40.43 2.87 45.13
N ASP A 240 -41.71 3.16 45.35
CA ASP A 240 -42.39 4.18 44.55
C ASP A 240 -41.68 5.53 44.66
N SER A 241 -41.03 5.79 45.80
CA SER A 241 -40.27 7.03 45.95
C SER A 241 -39.24 7.19 44.84
N LEU A 242 -38.70 6.09 44.35
CA LEU A 242 -37.72 6.11 43.27
C LEU A 242 -38.38 6.02 41.90
N LYS A 243 -39.33 5.10 41.74
CA LYS A 243 -40.12 5.01 40.51
C LYS A 243 -40.54 6.40 40.05
N ASN A 244 -41.20 7.14 40.93
CA ASN A 244 -41.41 8.56 40.71
C ASN A 244 -40.11 9.27 41.01
N ARG A 245 -39.60 10.03 40.02
CA ARG A 245 -38.27 10.63 39.99
C ARG A 245 -37.50 10.05 38.79
N GLY A 246 -38.01 8.99 38.20
CA GLY A 246 -37.42 8.44 37.00
C GLY A 246 -36.31 7.44 37.23
N VAL A 247 -36.35 6.71 38.34
CA VAL A 247 -35.39 5.65 38.61
C VAL A 247 -36.08 4.34 38.28
N ASP A 248 -35.88 3.85 37.06
CA ASP A 248 -36.49 2.63 36.59
C ASP A 248 -35.53 1.98 35.61
N ASN A 249 -35.95 0.86 35.02
CA ASN A 249 -35.06 0.15 34.11
C ASN A 249 -34.70 0.96 32.88
N LYS A 250 -35.40 2.07 32.61
CA LYS A 250 -34.97 2.97 31.55
C LYS A 250 -33.82 3.87 32.00
N ARG A 251 -33.72 4.14 33.30
CA ARG A 251 -32.65 4.97 33.86
C ARG A 251 -32.27 4.38 35.20
N PRO A 252 -31.52 3.29 35.21
CA PRO A 252 -31.23 2.59 36.47
C PRO A 252 -30.34 3.42 37.37
N PRO A 253 -30.23 3.06 38.64
CA PRO A 253 -29.36 3.79 39.56
C PRO A 253 -27.95 3.26 39.61
N VAL A 254 -27.01 4.19 39.79
CA VAL A 254 -25.60 3.89 39.98
C VAL A 254 -25.09 4.71 41.16
N TYR A 255 -23.95 4.29 41.71
CA TYR A 255 -23.31 5.04 42.78
C TYR A 255 -21.81 5.11 42.52
N VAL A 256 -21.23 6.24 42.91
CA VAL A 256 -19.79 6.46 42.78
C VAL A 256 -19.07 5.53 43.75
N SER A 257 -18.56 4.41 43.24
CA SER A 257 -17.91 3.43 44.11
C SER A 257 -16.55 3.92 44.60
N ASN A 258 -15.86 4.72 43.81
CA ASN A 258 -14.59 5.28 44.26
C ASN A 258 -14.24 6.51 43.45
N VAL A 259 -13.42 7.38 44.04
CA VAL A 259 -12.91 8.57 43.39
C VAL A 259 -11.40 8.59 43.56
N ALA A 260 -10.69 8.78 42.46
CA ALA A 260 -9.23 8.86 42.48
C ALA A 260 -8.80 10.30 42.69
N TYR A 261 -7.78 10.49 43.51
CA TYR A 261 -7.24 11.81 43.83
C TYR A 261 -5.80 11.90 43.36
N GLY A 262 -5.44 13.05 42.81
CA GLY A 262 -4.07 13.26 42.39
C GLY A 262 -3.89 14.42 41.44
N ARG A 263 -3.25 14.15 40.30
CA ARG A 263 -2.85 15.19 39.36
C ARG A 263 -3.20 14.75 37.95
N SER A 264 -3.85 15.63 37.20
CA SER A 264 -4.32 15.32 35.85
C SER A 264 -3.95 16.45 34.91
N MET A 265 -3.54 16.09 33.69
CA MET A 265 -3.21 17.10 32.70
C MET A 265 -3.38 16.51 31.30
N TYR A 266 -3.61 17.41 30.34
CA TYR A 266 -3.69 17.08 28.92
C TYR A 266 -2.47 17.63 28.21
N VAL A 267 -1.88 16.84 27.33
CA VAL A 267 -0.66 17.21 26.63
C VAL A 267 -0.87 17.04 25.13
N LYS A 268 -0.46 18.05 24.37
CA LYS A 268 -0.50 18.00 22.91
C LYS A 268 0.93 17.92 22.39
N PHE A 269 1.25 16.82 21.71
CA PHE A 269 2.50 16.69 20.97
C PHE A 269 2.21 16.95 19.50
N ASP A 270 2.98 17.85 18.89
CA ASP A 270 2.90 18.05 17.46
C ASP A 270 4.28 18.36 16.89
N THR A 271 4.46 18.03 15.63
CA THR A 271 5.69 18.31 14.91
C THR A 271 5.34 18.58 13.45
N THR A 272 6.22 19.31 12.78
CA THR A 272 6.10 19.50 11.34
C THR A 272 6.76 18.38 10.55
N SER A 273 7.30 17.37 11.24
CA SER A 273 7.91 16.25 10.55
C SER A 273 6.85 15.44 9.82
N LYS A 274 7.13 15.11 8.55
CA LYS A 274 6.24 14.28 7.75
C LYS A 274 6.55 12.80 7.89
N SER A 275 7.17 12.40 9.00
CA SER A 275 7.64 11.04 9.18
C SER A 275 6.56 10.16 9.81
N THR A 276 6.50 8.92 9.36
CA THR A 276 5.88 7.87 10.16
C THR A 276 6.75 7.68 11.39
N ASP A 277 6.45 6.67 12.21
CA ASP A 277 7.15 6.42 13.47
C ASP A 277 6.92 7.53 14.48
N PHE A 278 6.17 8.58 14.14
CA PHE A 278 5.93 9.67 15.08
C PHE A 278 5.18 9.16 16.30
N GLN A 279 4.10 8.41 16.09
CA GLN A 279 3.34 7.88 17.21
C GLN A 279 4.20 6.99 18.09
N ALA A 280 5.04 6.14 17.48
CA ALA A 280 5.91 5.28 18.27
C ALA A 280 6.97 6.08 19.01
N ALA A 281 7.43 7.19 18.43
CA ALA A 281 8.44 8.02 19.08
C ALA A 281 7.88 8.69 20.32
N VAL A 282 6.70 9.31 20.19
CA VAL A 282 6.07 9.97 21.34
C VAL A 282 5.74 8.95 22.41
N GLU A 283 5.13 7.83 22.01
CA GLU A 283 4.77 6.80 22.99
C GLU A 283 6.02 6.23 23.66
N ALA A 284 7.11 6.10 22.92
CA ALA A 284 8.34 5.58 23.51
C ALA A 284 8.91 6.55 24.54
N ALA A 285 8.87 7.85 24.26
CA ALA A 285 9.33 8.83 25.23
C ALA A 285 8.50 8.78 26.49
N ILE A 286 7.17 8.79 26.35
CA ILE A 286 6.28 8.68 27.52
C ILE A 286 6.67 7.48 28.37
N LYS A 287 7.02 6.37 27.73
CA LYS A 287 7.35 5.14 28.43
C LYS A 287 8.76 5.14 29.01
N GLY A 288 9.47 6.26 28.94
CA GLY A 288 10.88 6.25 29.27
C GLY A 288 11.67 5.72 28.08
N VAL A 289 12.42 4.63 28.29
CA VAL A 289 13.10 3.95 27.19
C VAL A 289 14.19 4.87 26.63
N GLU A 290 15.38 4.32 26.43
CA GLU A 290 16.48 5.10 25.87
C GLU A 290 16.13 5.55 24.47
N ILE A 291 15.30 6.59 24.36
CA ILE A 291 14.95 7.19 23.07
C ILE A 291 16.20 7.80 22.45
N LYS A 292 17.21 6.96 22.24
CA LYS A 292 18.57 7.36 21.85
C LYS A 292 19.50 6.28 22.39
N PRO A 293 20.36 5.66 21.55
CA PRO A 293 20.88 5.85 20.19
C PRO A 293 20.53 7.17 19.51
N ASN A 294 21.37 8.19 19.76
CA ASN A 294 21.15 9.56 19.32
C ASN A 294 20.86 9.68 17.82
N THR A 295 19.86 8.96 17.31
CA THR A 295 19.51 9.06 15.90
C THR A 295 18.04 8.73 15.66
N GLU A 296 17.66 7.45 15.77
CA GLU A 296 16.37 6.93 15.32
C GLU A 296 15.21 7.87 15.60
N PHE A 297 14.44 7.61 16.67
CA PHE A 297 13.39 8.54 17.08
C PHE A 297 13.97 9.86 17.57
N HIS A 298 15.27 9.91 17.86
CA HIS A 298 15.89 11.09 18.43
C HIS A 298 15.54 12.33 17.62
N ARG A 299 15.64 12.24 16.29
CA ARG A 299 15.46 13.41 15.44
C ARG A 299 14.02 13.93 15.48
N ILE A 300 13.04 13.02 15.59
CA ILE A 300 11.65 13.46 15.66
C ILE A 300 11.41 14.22 16.96
N LEU A 301 12.01 13.76 18.07
CA LEU A 301 11.73 14.35 19.36
C LEU A 301 12.46 15.67 19.60
N GLN A 302 13.47 15.99 18.79
CA GLN A 302 14.02 17.34 18.82
C GLN A 302 13.12 18.34 18.10
N ASN A 303 12.11 17.86 17.37
CA ASN A 303 11.20 18.72 16.62
C ASN A 303 9.76 18.62 17.12
N THR A 304 9.55 18.03 18.30
CA THR A 304 8.21 17.84 18.84
C THR A 304 7.91 18.97 19.83
N SER A 305 6.98 19.83 19.45
CA SER A 305 6.46 20.82 20.39
C SER A 305 5.53 20.14 21.38
N VAL A 306 5.58 20.58 22.63
CA VAL A 306 4.77 20.02 23.70
C VAL A 306 3.96 21.13 24.35
N CYS A 307 2.64 20.92 24.44
CA CYS A 307 1.72 21.89 25.02
C CYS A 307 0.87 21.16 26.04
N ALA A 308 1.02 21.54 27.31
CA ALA A 308 0.41 20.82 28.43
C ALA A 308 -0.43 21.77 29.26
N VAL A 309 -1.70 21.47 29.43
CA VAL A 309 -2.59 22.23 30.30
C VAL A 309 -2.94 21.34 31.49
N ILE A 310 -2.75 21.86 32.69
CA ILE A 310 -2.96 21.11 33.92
C ILE A 310 -4.25 21.58 34.57
N LEU A 311 -4.98 20.65 35.16
CA LEU A 311 -6.31 20.91 35.69
C LEU A 311 -6.29 20.86 37.21
N GLY A 312 -6.95 21.82 37.84
CA GLY A 312 -6.99 21.89 39.29
C GLY A 312 -8.27 22.49 39.83
N GLY A 313 -8.20 23.76 40.27
CA GLY A 313 -9.36 24.39 40.86
C GLY A 313 -9.19 25.86 41.20
N SER A 314 -7.94 26.32 41.37
CA SER A 314 -7.65 27.72 41.66
C SER A 314 -7.37 28.52 40.41
N ALA A 315 -8.01 28.18 39.29
CA ALA A 315 -7.64 28.73 37.99
C ALA A 315 -6.15 28.53 37.70
N ASN A 316 -5.55 27.55 38.39
CA ASN A 316 -4.14 27.16 38.27
C ASN A 316 -3.38 28.03 37.27
N GLY A 317 -3.92 28.08 36.05
CA GLY A 317 -3.37 28.87 34.98
C GLY A 317 -3.99 28.43 33.68
N ALA A 318 -3.15 28.18 32.69
CA ALA A 318 -3.56 27.42 31.51
C ALA A 318 -2.31 26.79 30.91
N ALA A 319 -1.28 26.58 31.71
CA ALA A 319 0.10 26.52 31.25
C ALA A 319 0.55 27.94 30.99
N LYS A 320 -0.10 28.56 30.01
CA LYS A 320 -0.07 29.99 29.70
C LYS A 320 -0.33 30.14 28.21
N VAL A 321 0.74 30.27 27.41
CA VAL A 321 0.61 30.35 25.97
C VAL A 321 1.01 29.03 25.31
N CYS A 322 1.54 28.08 26.08
CA CYS A 322 1.86 26.74 25.62
C CYS A 322 3.10 26.73 24.74
N THR A 323 4.15 26.06 25.23
CA THR A 323 5.41 25.93 24.53
C THR A 323 6.33 25.02 25.34
N GLY A 324 6.97 24.06 24.70
CA GLY A 324 7.83 23.14 25.40
C GLY A 324 8.24 22.00 24.51
N ASN A 325 9.06 21.12 25.09
CA ASN A 325 9.56 19.94 24.40
C ASN A 325 9.42 18.72 25.31
N ILE A 326 9.98 17.58 24.89
CA ILE A 326 9.87 16.37 25.69
C ILE A 326 10.43 16.61 27.09
N ASP A 327 11.44 17.47 27.22
CA ASP A 327 12.00 17.75 28.54
C ASP A 327 11.06 18.59 29.39
N THR A 328 10.25 19.44 28.76
CA THR A 328 9.17 20.11 29.50
C THR A 328 8.21 19.08 30.09
N LEU A 329 7.79 18.12 29.26
CA LEU A 329 6.91 17.06 29.73
C LEU A 329 7.51 16.31 30.92
N LYS A 330 8.74 15.80 30.75
CA LYS A 330 9.33 14.95 31.78
C LYS A 330 9.54 15.68 33.09
N ALA A 331 9.66 17.01 33.06
CA ALA A 331 9.71 17.76 34.32
C ALA A 331 8.34 17.79 34.98
N LEU A 332 7.28 18.06 34.20
CA LEU A 332 5.93 18.09 34.76
C LEU A 332 5.55 16.74 35.36
N ILE A 333 6.01 15.64 34.75
CA ILE A 333 5.72 14.31 35.30
C ILE A 333 6.37 14.16 36.67
N GLN A 334 7.68 14.41 36.76
CA GLN A 334 8.41 14.15 37.99
C GLN A 334 8.07 15.13 39.10
N GLU A 335 7.40 16.25 38.80
CA GLU A 335 6.96 17.14 39.87
C GLU A 335 5.79 16.56 40.64
N GLY A 336 4.96 15.73 40.00
CA GLY A 336 3.80 15.17 40.65
C GLY A 336 3.89 13.67 40.85
N ALA A 337 5.12 13.14 40.88
CA ALA A 337 5.30 11.72 41.12
C ALA A 337 5.00 11.34 42.56
N ASN A 338 5.09 12.28 43.49
CA ASN A 338 4.90 12.01 44.90
C ASN A 338 4.05 13.12 45.51
N LEU A 339 3.55 12.84 46.70
CA LEU A 339 2.83 13.85 47.47
C LEU A 339 3.84 14.70 48.21
N SER A 340 3.84 16.01 47.95
CA SER A 340 4.54 16.93 48.84
C SER A 340 3.76 17.16 50.13
N THR A 341 3.08 16.10 50.62
CA THR A 341 2.11 16.12 51.72
C THR A 341 1.64 17.52 52.10
N SER A 342 1.48 18.38 51.11
CA SER A 342 0.99 19.75 51.26
C SER A 342 0.15 20.20 50.09
N SER A 343 0.25 19.53 48.95
CA SER A 343 -0.54 19.77 47.75
C SER A 343 -1.86 19.04 47.83
N PRO A 344 -2.86 19.46 47.05
CA PRO A 344 -4.13 18.73 47.13
C PRO A 344 -3.98 17.31 46.57
N ALA A 345 -4.91 16.36 46.74
CA ALA A 345 -6.32 16.48 47.23
C ALA A 345 -7.24 17.10 46.19
N VAL A 346 -6.91 16.88 44.92
CA VAL A 346 -7.82 17.19 43.81
C VAL A 346 -8.37 15.87 43.28
N PRO A 347 -9.69 15.67 43.26
CA PRO A 347 -10.23 14.51 42.53
C PRO A 347 -10.00 14.68 41.04
N ILE A 348 -9.58 13.59 40.39
CA ILE A 348 -9.23 13.62 38.98
C ILE A 348 -10.11 12.66 38.19
N ALA A 349 -10.59 11.60 38.85
CA ALA A 349 -11.41 10.61 38.18
C ALA A 349 -12.37 9.98 39.18
N TYR A 350 -13.46 9.43 38.65
CA TYR A 350 -14.44 8.74 39.47
C TYR A 350 -14.99 7.54 38.70
N THR A 351 -15.41 6.52 39.44
CA THR A 351 -15.98 5.31 38.90
C THR A 351 -17.39 5.13 39.47
N THR A 352 -18.30 4.67 38.63
CA THR A 352 -19.67 4.38 39.05
C THR A 352 -19.93 2.87 38.97
N SER A 353 -20.75 2.39 39.89
CA SER A 353 -21.17 1.00 39.92
C SER A 353 -22.68 0.95 40.02
N PHE A 354 -23.27 -0.08 39.42
CA PHE A 354 -24.72 -0.24 39.44
C PHE A 354 -25.19 -0.62 40.83
N VAL A 355 -26.29 0.00 41.27
CA VAL A 355 -26.86 -0.32 42.58
C VAL A 355 -27.38 -1.76 42.60
N LYS A 356 -27.92 -2.23 41.48
CA LYS A 356 -28.56 -3.54 41.46
C LYS A 356 -27.61 -4.64 41.89
N ASP A 357 -26.40 -4.67 41.32
CA ASP A 357 -25.47 -5.77 41.56
C ASP A 357 -24.06 -5.30 41.91
N ASN A 358 -23.87 -4.00 42.14
CA ASN A 358 -22.56 -3.45 42.53
C ASN A 358 -21.50 -3.68 41.46
N GLU A 359 -21.91 -3.97 40.23
CA GLU A 359 -20.95 -4.15 39.15
C GLU A 359 -20.51 -2.81 38.60
N VAL A 360 -19.20 -2.68 38.38
CA VAL A 360 -18.67 -1.46 37.78
C VAL A 360 -19.33 -1.25 36.42
N ALA A 361 -19.74 -0.01 36.17
CA ALA A 361 -20.41 0.35 34.92
C ALA A 361 -19.42 0.97 33.96
N THR A 362 -19.56 0.64 32.68
CA THR A 362 -18.69 1.15 31.63
C THR A 362 -19.49 1.98 30.64
N LEU A 363 -18.84 3.00 30.09
CA LEU A 363 -19.43 3.88 29.10
C LEU A 363 -18.81 3.59 27.74
N GLN A 364 -19.65 3.25 26.77
CA GLN A 364 -19.21 2.98 25.40
C GLN A 364 -19.44 4.23 24.56
N SER A 365 -18.38 4.71 23.92
CA SER A 365 -18.46 5.85 23.02
C SER A 365 -17.82 5.47 21.70
N ASN A 366 -18.51 5.77 20.60
CA ASN A 366 -17.97 5.49 19.28
C ASN A 366 -18.37 6.60 18.33
N SER A 367 -17.54 6.83 17.31
CA SER A 367 -17.77 7.88 16.34
C SER A 367 -16.95 7.58 15.09
N ASP A 368 -17.56 7.81 13.93
CA ASP A 368 -16.83 7.74 12.69
C ASP A 368 -16.02 9.01 12.48
N TYR A 369 -14.91 8.87 11.77
CA TYR A 369 -14.05 10.01 11.47
C TYR A 369 -13.11 9.63 10.35
N ILE A 370 -12.62 10.64 9.65
CA ILE A 370 -11.65 10.47 8.58
C ILE A 370 -10.27 10.74 9.16
N GLU A 371 -9.39 9.74 9.11
CA GLU A 371 -8.02 9.92 9.54
C GLU A 371 -7.13 10.24 8.34
N THR A 372 -6.21 11.17 8.54
CA THR A 372 -5.19 11.50 7.56
C THR A 372 -3.84 11.00 8.05
N LYS A 373 -3.12 10.30 7.18
CA LYS A 373 -1.74 9.93 7.42
C LYS A 373 -0.86 10.64 6.42
N VAL A 374 0.44 10.68 6.72
CA VAL A 374 1.40 11.43 5.92
C VAL A 374 2.70 10.64 5.84
N SER A 375 3.33 10.70 4.68
CA SER A 375 4.64 10.09 4.48
C SER A 375 5.39 10.91 3.45
N SER A 376 6.72 10.83 3.49
CA SER A 376 7.53 11.67 2.62
C SER A 376 8.89 11.00 2.37
N TYR A 377 9.47 11.32 1.22
N TYR A 377 9.50 11.34 1.24
CA TYR A 377 10.81 10.90 0.83
CA TYR A 377 10.87 10.90 1.00
C TYR A 377 11.57 12.10 0.30
C TYR A 377 11.61 11.99 0.23
N ARG A 378 12.87 12.20 0.62
CA ARG A 378 13.73 13.22 0.04
C ARG A 378 14.65 12.55 -0.98
N ASN A 379 14.55 13.00 -2.24
CA ASN A 379 15.36 12.41 -3.29
C ASN A 379 16.85 12.65 -3.02
N GLY A 380 17.68 11.74 -3.54
CA GLY A 380 19.11 11.81 -3.33
C GLY A 380 19.86 11.89 -4.65
N TYR A 381 21.16 12.17 -4.55
CA TYR A 381 22.01 12.38 -5.70
C TYR A 381 23.26 11.51 -5.62
N LEU A 382 23.67 10.98 -6.78
CA LEU A 382 24.91 10.21 -6.91
C LEU A 382 25.79 10.89 -7.94
N THR A 383 27.02 11.22 -7.56
CA THR A 383 27.97 11.89 -8.44
C THR A 383 29.12 10.95 -8.75
N LEU A 384 29.45 10.83 -10.03
CA LEU A 384 30.57 10.01 -10.49
C LEU A 384 31.62 10.92 -11.12
N ASP A 385 32.86 10.79 -10.63
CA ASP A 385 33.98 11.56 -11.18
C ASP A 385 35.09 10.58 -11.52
N HIS A 386 35.36 10.43 -12.81
CA HIS A 386 36.36 9.47 -13.32
C HIS A 386 37.52 10.26 -13.92
N ARG A 387 38.63 10.33 -13.18
CA ARG A 387 39.83 11.01 -13.65
C ARG A 387 41.02 10.04 -13.61
N GLY A 388 40.91 8.94 -14.33
CA GLY A 388 41.94 7.90 -14.29
C GLY A 388 42.44 7.56 -15.68
N ALA A 389 43.74 7.28 -15.77
CA ALA A 389 44.36 6.95 -17.04
C ALA A 389 43.97 5.55 -17.48
N TYR A 390 42.69 5.37 -17.81
CA TYR A 390 42.16 4.08 -18.24
C TYR A 390 40.68 4.25 -18.55
N VAL A 391 40.15 3.29 -19.30
CA VAL A 391 38.73 3.26 -19.60
C VAL A 391 37.98 2.65 -18.41
N ALA A 392 36.80 3.18 -18.13
CA ALA A 392 35.97 2.70 -17.04
C ALA A 392 34.53 2.54 -17.52
N ARG A 393 33.80 1.68 -16.81
CA ARG A 393 32.37 1.50 -17.02
C ARG A 393 31.68 1.60 -15.67
N TYR A 394 30.36 1.65 -15.68
CA TYR A 394 29.58 1.68 -14.45
C TYR A 394 28.47 0.63 -14.54
N TYR A 395 28.18 0.02 -13.38
CA TYR A 395 27.07 -0.92 -13.26
C TYR A 395 26.32 -0.57 -11.98
N ILE A 396 25.16 0.09 -12.14
CA ILE A 396 24.41 0.62 -11.01
C ILE A 396 22.98 0.08 -11.12
N TYR A 397 22.51 -0.56 -10.05
CA TYR A 397 21.16 -1.09 -9.99
C TYR A 397 20.52 -0.68 -8.66
N TRP A 398 19.19 -0.71 -8.64
CA TRP A 398 18.43 -0.44 -7.42
C TRP A 398 17.04 -1.02 -7.58
N ASP A 399 16.34 -1.13 -6.45
CA ASP A 399 15.03 -1.76 -6.41
C ASP A 399 13.95 -0.72 -6.13
N GLU A 400 12.79 -0.89 -6.78
CA GLU A 400 11.64 -0.03 -6.57
C GLU A 400 10.51 -0.89 -6.01
N TYR A 401 10.25 -0.76 -4.72
CA TYR A 401 9.15 -1.49 -4.09
C TYR A 401 7.83 -0.76 -4.34
N GLY A 402 6.75 -1.52 -4.25
CA GLY A 402 5.43 -0.96 -4.44
C GLY A 402 4.37 -1.94 -4.03
N THR A 403 3.19 -1.41 -3.71
CA THR A 403 2.01 -2.19 -3.42
C THR A 403 0.93 -1.84 -4.41
N GLU A 404 0.25 -2.86 -4.93
CA GLU A 404 -0.86 -2.60 -5.82
C GLU A 404 -1.97 -1.88 -5.06
N ILE A 405 -2.89 -1.32 -5.84
CA ILE A 405 -4.02 -0.54 -5.34
C ILE A 405 -4.60 -1.16 -4.07
N ASP A 406 -4.71 -2.50 -4.05
CA ASP A 406 -5.13 -3.20 -2.85
C ASP A 406 -4.05 -3.09 -1.80
N GLY A 407 -3.24 -4.14 -1.64
CA GLY A 407 -2.08 -4.10 -0.78
C GLY A 407 -1.01 -5.09 -1.21
N THR A 408 -1.25 -5.77 -2.33
CA THR A 408 -0.33 -6.78 -2.82
C THR A 408 1.01 -6.15 -3.16
N PRO A 409 2.13 -6.66 -2.63
CA PRO A 409 3.42 -6.04 -2.89
C PRO A 409 4.03 -6.50 -4.21
N TYR A 410 5.01 -5.71 -4.67
CA TYR A 410 5.80 -6.07 -5.83
C TYR A 410 7.11 -5.30 -5.77
N VAL A 411 8.09 -5.75 -6.54
CA VAL A 411 9.38 -5.09 -6.64
C VAL A 411 9.84 -5.17 -8.10
N ARG A 412 10.35 -4.05 -8.60
CA ARG A 412 10.85 -3.96 -9.96
C ARG A 412 12.26 -3.39 -9.91
N SER A 413 13.23 -4.16 -10.40
CA SER A 413 14.61 -3.68 -10.41
C SER A 413 14.82 -2.70 -11.55
N ARG A 414 15.88 -1.90 -11.41
CA ARG A 414 16.20 -0.87 -12.39
C ARG A 414 17.70 -0.90 -12.67
N ALA A 415 18.07 -0.26 -13.78
CA ALA A 415 19.47 -0.13 -14.15
C ALA A 415 19.71 1.28 -14.68
N TRP A 416 20.82 1.87 -14.26
CA TRP A 416 21.24 3.17 -14.77
C TRP A 416 21.37 3.11 -16.29
N GLU A 417 20.68 4.03 -16.98
CA GLU A 417 20.66 3.98 -18.44
C GLU A 417 22.08 3.98 -19.01
N GLY A 418 22.99 4.69 -18.37
CA GLY A 418 24.36 4.73 -18.81
C GLY A 418 25.23 3.75 -18.06
N ASN A 419 24.84 2.47 -18.08
CA ASN A 419 25.57 1.47 -17.30
C ASN A 419 26.84 1.04 -18.02
N GLY A 420 26.78 -0.01 -18.84
CA GLY A 420 27.99 -0.58 -19.39
C GLY A 420 28.61 0.22 -20.53
N LYS A 421 28.64 1.54 -20.39
CA LYS A 421 29.20 2.41 -21.42
C LYS A 421 30.64 2.78 -21.07
N TYR A 422 31.45 2.93 -22.11
CA TYR A 422 32.85 3.28 -21.93
C TYR A 422 32.97 4.73 -21.47
N ARG A 423 33.67 4.94 -20.36
CA ARG A 423 33.93 6.26 -19.81
C ARG A 423 35.42 6.55 -19.91
N THR A 424 35.77 7.66 -20.56
CA THR A 424 37.16 7.96 -20.89
C THR A 424 37.57 9.30 -20.29
N ALA A 425 38.90 9.51 -20.29
CA ALA A 425 39.50 10.76 -19.85
C ALA A 425 38.86 11.25 -18.54
N HIS A 426 38.21 12.42 -18.58
CA HIS A 426 37.48 12.94 -17.43
C HIS A 426 36.00 12.86 -17.75
N PHE A 427 35.28 12.03 -17.00
CA PHE A 427 33.84 11.87 -17.13
C PHE A 427 33.20 12.24 -15.79
N ASN A 428 32.26 13.18 -15.83
CA ASN A 428 31.58 13.65 -14.63
C ASN A 428 30.08 13.69 -14.88
N THR A 429 29.31 13.31 -13.88
CA THR A 429 27.86 13.33 -13.98
C THR A 429 27.26 13.08 -12.60
N THR A 430 26.05 13.59 -12.40
CA THR A 430 25.29 13.36 -11.18
C THR A 430 23.97 12.70 -11.55
N ILE A 431 23.53 11.75 -10.73
CA ILE A 431 22.30 11.00 -10.97
C ILE A 431 21.31 11.31 -9.86
N GLN A 432 20.04 11.47 -10.23
CA GLN A 432 18.97 11.72 -9.28
C GLN A 432 18.25 10.43 -8.96
N PHE A 433 17.89 10.25 -7.69
CA PHE A 433 17.19 9.07 -7.23
C PHE A 433 15.98 9.48 -6.40
N LYS A 434 14.82 8.89 -6.71
CA LYS A 434 13.68 8.99 -5.82
C LYS A 434 14.07 8.51 -4.42
N GLY A 435 13.55 9.18 -3.40
CA GLY A 435 13.90 8.83 -2.03
C GLY A 435 13.43 7.46 -1.60
N ASN A 436 12.59 6.79 -2.41
CA ASN A 436 12.04 5.49 -2.04
C ASN A 436 12.80 4.31 -2.64
N VAL A 437 13.80 4.55 -3.51
CA VAL A 437 14.55 3.44 -4.07
C VAL A 437 15.30 2.74 -2.95
N ARG A 438 15.52 1.44 -3.12
CA ARG A 438 16.17 0.62 -2.10
C ARG A 438 17.30 -0.19 -2.74
N ASN A 439 18.21 -0.64 -1.88
CA ASN A 439 19.26 -1.57 -2.28
C ASN A 439 20.05 -1.04 -3.49
N LEU A 440 20.57 0.17 -3.34
CA LEU A 440 21.39 0.76 -4.39
C LEU A 440 22.69 -0.03 -4.55
N ARG A 441 23.09 -0.24 -5.81
CA ARG A 441 24.28 -1.01 -6.15
C ARG A 441 25.18 -0.19 -7.06
N ILE A 442 26.49 -0.33 -6.90
CA ILE A 442 27.44 0.42 -7.70
C ILE A 442 28.69 -0.42 -7.92
N LYS A 443 29.12 -0.54 -9.18
CA LYS A 443 30.34 -1.23 -9.56
C LYS A 443 31.01 -0.45 -10.69
N LEU A 444 32.34 -0.40 -10.67
CA LEU A 444 33.09 0.47 -11.58
C LEU A 444 33.87 -0.30 -12.64
N VAL A 445 34.84 -1.12 -12.24
CA VAL A 445 35.69 -1.90 -13.15
C VAL A 445 36.40 -1.01 -14.19
N GLU A 446 37.62 -1.38 -14.56
CA GLU A 446 38.44 -0.61 -15.48
C GLU A 446 39.09 -1.54 -16.49
N LYS A 447 39.32 -1.02 -17.71
CA LYS A 447 39.95 -1.82 -18.75
C LYS A 447 41.44 -1.95 -18.47
N THR A 448 41.90 -3.18 -18.26
CA THR A 448 43.28 -3.46 -17.91
C THR A 448 44.04 -4.22 -19.00
N GLY A 449 43.34 -4.93 -19.88
CA GLY A 449 44.00 -5.68 -20.93
C GLY A 449 43.34 -5.52 -22.28
N LEU A 450 42.97 -6.65 -22.89
CA LEU A 450 42.37 -6.66 -24.21
C LEU A 450 40.87 -6.88 -24.12
N VAL A 451 40.18 -6.54 -25.20
CA VAL A 451 38.72 -6.74 -25.26
C VAL A 451 38.45 -8.23 -25.45
N TRP A 452 38.08 -8.88 -24.34
CA TRP A 452 37.81 -10.31 -24.20
C TRP A 452 38.47 -10.73 -22.89
N GLU A 453 39.51 -10.00 -22.48
CA GLU A 453 40.06 -10.13 -21.14
C GLU A 453 39.14 -9.45 -20.13
N PRO A 454 38.96 -10.01 -18.94
CA PRO A 454 38.03 -9.42 -17.99
C PRO A 454 38.52 -8.08 -17.46
N TRP A 455 37.59 -7.14 -17.31
CA TRP A 455 37.87 -5.87 -16.66
C TRP A 455 38.32 -6.09 -15.21
N ARG A 456 39.05 -5.11 -14.69
CA ARG A 456 39.56 -5.16 -13.32
C ARG A 456 38.64 -4.34 -12.42
N THR A 457 38.12 -4.97 -11.37
CA THR A 457 37.09 -4.35 -10.55
C THR A 457 37.70 -3.33 -9.59
N VAL A 458 37.29 -2.09 -9.74
CA VAL A 458 37.50 -1.04 -8.75
C VAL A 458 36.16 -0.79 -8.07
N TYR A 459 36.16 -0.72 -6.75
CA TYR A 459 34.96 -0.32 -6.01
C TYR A 459 33.74 -1.15 -6.38
N ASP A 460 33.40 -2.13 -5.56
CA ASP A 460 32.16 -2.91 -5.71
C ASP A 460 31.42 -2.89 -4.39
N ARG A 461 30.28 -2.20 -4.35
CA ARG A 461 29.52 -2.05 -3.11
C ARG A 461 28.02 -2.20 -3.40
N SER A 462 27.31 -2.75 -2.42
CA SER A 462 25.90 -3.06 -2.56
C SER A 462 25.19 -2.71 -1.27
N ASP A 463 23.86 -2.81 -1.30
CA ASP A 463 23.01 -2.59 -0.13
C ASP A 463 23.46 -1.38 0.68
N LEU A 464 23.84 -0.27 -0.01
CA LEU A 464 24.34 0.86 0.77
C LEU A 464 23.29 1.96 0.86
N PRO A 465 23.22 2.65 2.00
CA PRO A 465 22.09 3.53 2.27
C PRO A 465 21.97 4.65 1.24
N LEU A 466 20.79 5.25 1.19
CA LEU A 466 20.53 6.40 0.33
C LEU A 466 20.72 7.67 1.15
N VAL A 467 21.77 8.42 0.82
CA VAL A 467 22.06 9.67 1.49
C VAL A 467 21.62 10.82 0.60
N ARG A 468 21.72 12.05 1.12
CA ARG A 468 21.42 13.22 0.32
C ARG A 468 22.41 13.39 -0.82
N GLN A 469 23.67 13.03 -0.60
CA GLN A 469 24.71 13.19 -1.60
C GLN A 469 25.74 12.10 -1.45
N ARG A 470 26.05 11.43 -2.56
CA ARG A 470 27.12 10.44 -2.63
C ARG A 470 27.95 10.73 -3.87
N THR A 471 29.26 10.86 -3.70
CA THR A 471 30.17 11.09 -4.81
C THR A 471 31.33 10.12 -4.72
N ILE A 472 31.61 9.43 -5.84
CA ILE A 472 32.63 8.40 -5.90
C ILE A 472 33.65 8.84 -6.94
N SER A 473 34.84 9.21 -6.48
CA SER A 473 35.91 9.67 -7.37
C SER A 473 36.95 8.58 -7.53
N ASN A 474 37.39 8.36 -8.77
CA ASN A 474 38.40 7.38 -9.09
C ASN A 474 39.48 8.02 -9.96
N TRP A 475 40.72 7.66 -9.69
CA TRP A 475 41.85 8.25 -10.40
C TRP A 475 42.98 7.22 -10.45
N GLY A 476 44.20 7.68 -10.65
CA GLY A 476 45.33 6.79 -10.77
C GLY A 476 45.52 6.27 -12.18
N THR A 477 46.30 5.20 -12.30
CA THR A 477 46.58 4.56 -13.57
C THR A 477 46.08 3.12 -13.54
N THR A 478 46.04 2.52 -14.73
CA THR A 478 45.38 1.22 -14.88
C THR A 478 46.01 0.15 -13.99
N LEU A 479 47.34 0.18 -13.83
CA LEU A 479 47.98 -0.82 -12.98
C LEU A 479 47.84 -0.51 -11.50
N TRP A 480 47.62 0.76 -11.13
CA TRP A 480 47.43 1.16 -9.74
C TRP A 480 46.28 2.15 -9.68
N PRO A 481 45.04 1.66 -9.73
CA PRO A 481 43.89 2.56 -9.68
C PRO A 481 43.56 2.94 -8.24
N ARG A 482 42.90 4.08 -8.10
CA ARG A 482 42.51 4.57 -6.78
C ARG A 482 41.10 5.13 -6.85
N VAL A 483 40.39 5.07 -5.71
CA VAL A 483 38.98 5.42 -5.64
C VAL A 483 38.70 5.91 -4.22
N ALA A 484 37.64 6.72 -4.08
CA ALA A 484 37.30 7.30 -2.80
C ALA A 484 35.81 7.57 -2.72
N GLU A 485 35.29 7.58 -1.49
CA GLU A 485 33.87 7.78 -1.21
C GLU A 485 33.73 8.80 -0.08
N THR A 486 32.68 9.62 -0.15
CA THR A 486 32.57 10.81 0.70
C THR A 486 31.38 10.82 1.64
N VAL A 487 30.20 10.41 1.18
CA VAL A 487 28.91 10.58 1.86
C VAL A 487 28.76 12.02 2.39
N LYS A 488 27.54 12.36 2.83
CA LYS A 488 27.22 13.73 3.17
C LYS A 488 26.00 13.75 4.08
N ASN A 489 25.90 14.79 4.90
CA ASN A 489 24.80 14.97 5.85
C ASN A 489 24.39 13.65 6.50
N MET B 1 -2.78 -22.43 -4.47
CA MET B 1 -1.51 -22.43 -5.24
C MET B 1 -1.40 -21.20 -6.14
N LEU B 2 -0.22 -20.58 -6.13
CA LEU B 2 0.01 -19.42 -6.98
C LEU B 2 0.31 -19.88 -8.41
N GLN B 3 -0.37 -19.27 -9.38
CA GLN B 3 -0.17 -19.60 -10.78
C GLN B 3 0.91 -18.68 -11.36
N CYS B 4 1.83 -19.27 -12.12
CA CYS B 4 2.95 -18.50 -12.64
C CYS B 4 3.52 -19.15 -13.89
N TYR B 5 3.94 -18.32 -14.84
CA TYR B 5 4.71 -18.82 -15.97
C TYR B 5 6.03 -19.36 -15.47
N ASN B 6 6.34 -20.61 -15.81
CA ASN B 6 7.58 -21.24 -15.38
C ASN B 6 8.16 -22.00 -16.56
N CYS B 7 9.25 -21.47 -17.12
CA CYS B 7 10.01 -22.16 -18.14
C CYS B 7 11.37 -22.55 -17.59
N PRO B 8 11.77 -23.82 -17.67
CA PRO B 8 13.02 -24.24 -17.02
C PRO B 8 14.26 -23.58 -17.60
N ASN B 9 14.22 -23.17 -18.86
CA ASN B 9 15.34 -22.51 -19.51
C ASN B 9 14.87 -21.20 -20.14
N PRO B 10 15.78 -20.26 -20.34
CA PRO B 10 15.40 -18.99 -20.97
C PRO B 10 14.73 -19.19 -22.31
N THR B 11 13.78 -18.31 -22.61
CA THR B 11 13.11 -18.29 -23.90
C THR B 11 12.49 -16.91 -24.10
N ALA B 12 12.15 -16.60 -25.36
CA ALA B 12 11.62 -15.28 -25.68
C ALA B 12 10.22 -15.10 -25.11
N ASP B 13 9.31 -16.04 -25.39
CA ASP B 13 7.92 -15.96 -24.95
C ASP B 13 7.57 -17.26 -24.24
N CYS B 14 7.72 -17.27 -22.92
CA CYS B 14 7.32 -18.42 -22.12
C CYS B 14 5.80 -18.49 -22.04
N LYS B 15 5.24 -19.65 -22.38
CA LYS B 15 3.80 -19.82 -22.42
C LYS B 15 3.28 -20.91 -21.48
N THR B 16 4.15 -21.54 -20.70
CA THR B 16 3.75 -22.68 -19.88
C THR B 16 3.36 -22.17 -18.51
N ALA B 17 2.05 -21.99 -18.30
CA ALA B 17 1.53 -21.66 -16.97
C ALA B 17 1.54 -22.90 -16.10
N VAL B 18 1.87 -22.71 -14.82
CA VAL B 18 1.94 -23.82 -13.87
C VAL B 18 1.48 -23.33 -12.51
N ASN B 19 0.90 -24.24 -11.74
CA ASN B 19 0.58 -23.97 -10.34
C ASN B 19 1.86 -24.18 -9.52
N CYS B 20 2.37 -23.10 -8.94
CA CYS B 20 3.63 -23.16 -8.22
C CYS B 20 3.47 -23.95 -6.93
N SER B 21 4.54 -24.64 -6.55
CA SER B 21 4.56 -25.38 -5.29
C SER B 21 4.25 -24.43 -4.13
N SER B 22 3.88 -25.02 -2.99
CA SER B 22 3.36 -24.24 -1.88
C SER B 22 4.37 -23.23 -1.36
N ASP B 23 5.65 -23.59 -1.34
CA ASP B 23 6.67 -22.69 -0.80
C ASP B 23 6.90 -21.47 -1.70
N PHE B 24 6.46 -21.52 -2.95
CA PHE B 24 6.64 -20.40 -3.87
C PHE B 24 5.49 -19.42 -3.67
N ASP B 25 5.83 -18.22 -3.19
CA ASP B 25 4.85 -17.16 -2.95
C ASP B 25 5.07 -15.96 -3.84
N ALA B 26 5.86 -16.09 -4.91
CA ALA B 26 6.16 -14.96 -5.76
C ALA B 26 6.31 -15.43 -7.20
N CYS B 27 6.33 -14.46 -8.11
CA CYS B 27 6.41 -14.70 -9.54
C CYS B 27 7.56 -13.89 -10.11
N LEU B 28 8.46 -14.55 -10.84
CA LEU B 28 9.68 -13.91 -11.31
C LEU B 28 9.71 -13.82 -12.83
N ILE B 29 9.97 -12.62 -13.33
CA ILE B 29 10.38 -12.40 -14.72
C ILE B 29 11.63 -11.52 -14.67
N THR B 30 12.69 -11.96 -15.34
CA THR B 30 13.94 -11.23 -15.33
C THR B 30 14.56 -11.24 -16.73
N LYS B 31 15.09 -10.08 -17.12
CA LYS B 31 15.77 -9.92 -18.40
C LYS B 31 17.25 -9.73 -18.14
N ALA B 32 18.04 -10.77 -18.43
CA ALA B 32 19.49 -10.74 -18.32
C ALA B 32 20.06 -10.64 -19.73
N GLY B 33 20.58 -9.47 -20.09
CA GLY B 33 21.00 -9.22 -21.45
C GLY B 33 19.85 -9.41 -22.42
N LEU B 34 19.92 -10.45 -23.24
CA LEU B 34 18.82 -10.81 -24.13
C LEU B 34 18.11 -12.08 -23.71
N GLN B 35 18.60 -12.78 -22.68
CA GLN B 35 17.91 -13.93 -22.14
C GLN B 35 16.81 -13.48 -21.20
N VAL B 36 15.69 -14.20 -21.22
CA VAL B 36 14.54 -13.88 -20.38
C VAL B 36 14.13 -15.14 -19.63
N TYR B 37 14.01 -15.03 -18.32
CA TYR B 37 13.62 -16.15 -17.47
C TYR B 37 12.27 -15.86 -16.83
N ASN B 38 11.43 -16.89 -16.73
CA ASN B 38 10.12 -16.80 -16.09
C ASN B 38 10.00 -17.99 -15.16
N LYS B 39 9.81 -17.73 -13.86
CA LYS B 39 9.93 -18.80 -12.88
C LYS B 39 9.03 -18.55 -11.67
N CYS B 40 8.59 -19.64 -11.06
CA CYS B 40 8.06 -19.59 -9.70
C CYS B 40 9.20 -19.26 -8.74
N TRP B 41 8.96 -18.33 -7.82
CA TRP B 41 10.04 -17.74 -7.04
C TRP B 41 9.59 -17.54 -5.60
N LYS B 42 10.48 -16.96 -4.81
CA LYS B 42 10.22 -16.61 -3.41
C LYS B 42 10.52 -15.14 -3.22
N PHE B 43 9.61 -14.42 -2.55
CA PHE B 43 9.78 -12.99 -2.37
C PHE B 43 11.06 -12.67 -1.62
N GLU B 44 11.53 -13.58 -0.77
CA GLU B 44 12.76 -13.34 -0.02
C GLU B 44 13.98 -13.40 -0.92
N HIS B 45 13.91 -14.11 -2.04
CA HIS B 45 15.00 -14.19 -3.01
C HIS B 45 14.85 -13.18 -4.13
N CYS B 46 13.79 -12.37 -4.14
CA CYS B 46 13.64 -11.32 -5.13
C CYS B 46 14.66 -10.23 -4.82
N ASN B 47 15.92 -10.54 -5.07
CA ASN B 47 17.06 -9.76 -4.62
C ASN B 47 18.11 -9.82 -5.72
N PHE B 48 18.81 -8.71 -5.95
CA PHE B 48 19.82 -8.71 -7.00
C PHE B 48 20.83 -9.84 -6.77
N ASN B 49 21.27 -10.01 -5.53
CA ASN B 49 22.23 -11.07 -5.23
C ASN B 49 21.62 -12.45 -5.43
N ASP B 50 20.41 -12.67 -4.91
CA ASP B 50 19.79 -13.98 -5.00
C ASP B 50 19.44 -14.34 -6.45
N VAL B 51 19.01 -13.34 -7.23
CA VAL B 51 18.60 -13.62 -8.62
C VAL B 51 19.82 -13.89 -9.48
N THR B 52 20.83 -13.01 -9.43
CA THR B 52 22.03 -13.20 -10.23
C THR B 52 22.70 -14.54 -9.89
N THR B 53 22.78 -14.87 -8.60
CA THR B 53 23.48 -16.07 -8.17
C THR B 53 22.82 -17.32 -8.72
N ARG B 54 21.49 -17.40 -8.64
CA ARG B 54 20.80 -18.63 -8.97
C ARG B 54 20.60 -18.84 -10.47
N LEU B 55 20.72 -17.79 -11.27
CA LEU B 55 20.54 -17.89 -12.71
C LEU B 55 21.85 -17.79 -13.48
N ARG B 56 22.97 -17.62 -12.80
CA ARG B 56 24.28 -17.46 -13.43
C ARG B 56 24.25 -16.30 -14.43
N GLU B 57 23.94 -15.11 -13.90
CA GLU B 57 23.95 -13.88 -14.68
C GLU B 57 24.52 -12.77 -13.83
N ASN B 58 25.20 -11.82 -14.48
CA ASN B 58 25.83 -10.71 -13.78
C ASN B 58 25.14 -9.38 -14.02
N GLU B 59 24.30 -9.27 -15.05
CA GLU B 59 23.73 -8.00 -15.49
C GLU B 59 22.27 -8.25 -15.86
N LEU B 60 21.35 -7.69 -15.10
CA LEU B 60 19.94 -7.96 -15.34
C LEU B 60 19.07 -6.99 -14.55
N THR B 61 17.81 -6.92 -14.95
CA THR B 61 16.74 -6.41 -14.12
C THR B 61 15.74 -7.54 -13.91
N TYR B 62 14.87 -7.37 -12.92
CA TYR B 62 13.93 -8.42 -12.56
C TYR B 62 12.68 -7.78 -11.99
N TYR B 63 11.57 -8.52 -12.08
CA TYR B 63 10.29 -8.09 -11.54
C TYR B 63 9.67 -9.24 -10.75
N CYS B 64 9.18 -8.94 -9.56
CA CYS B 64 8.53 -9.93 -8.70
C CYS B 64 7.16 -9.44 -8.30
N CYS B 65 6.22 -10.37 -8.18
CA CYS B 65 4.84 -10.02 -7.82
C CYS B 65 4.17 -11.22 -7.18
N LYS B 66 2.92 -11.03 -6.77
CA LYS B 66 2.18 -12.00 -5.99
C LYS B 66 0.89 -12.48 -6.66
N LYS B 67 0.61 -12.03 -7.89
CA LYS B 67 -0.66 -12.33 -8.54
C LYS B 67 -0.48 -13.38 -9.63
N ASP B 68 -1.60 -13.98 -10.03
CA ASP B 68 -1.57 -15.07 -10.99
C ASP B 68 -1.05 -14.59 -12.35
N LEU B 69 -0.15 -15.38 -12.94
CA LEU B 69 0.42 -15.09 -14.25
C LEU B 69 0.77 -13.62 -14.42
N CYS B 70 1.40 -13.04 -13.40
CA CYS B 70 1.78 -11.64 -13.45
C CYS B 70 3.16 -11.42 -14.08
N ASN B 71 3.99 -12.47 -14.15
CA ASN B 71 5.37 -12.33 -14.62
C ASN B 71 5.46 -12.49 -16.14
N PHE B 72 4.70 -11.68 -16.85
CA PHE B 72 4.82 -11.63 -18.30
C PHE B 72 5.86 -10.58 -18.70
N ASN B 73 6.42 -10.76 -19.90
CA ASN B 73 7.64 -10.06 -20.27
C ASN B 73 7.45 -8.55 -20.36
N GLU B 74 6.27 -8.08 -20.78
CA GLU B 74 6.04 -6.65 -20.89
C GLU B 74 5.98 -5.94 -19.54
N GLN B 75 6.16 -6.67 -18.44
CA GLN B 75 6.10 -6.05 -17.12
C GLN B 75 7.39 -5.31 -16.78
N LEU B 76 8.52 -5.74 -17.34
CA LEU B 76 9.77 -5.01 -17.20
C LEU B 76 9.89 -4.04 -18.38
N GLU B 77 9.99 -2.75 -18.08
CA GLU B 77 10.11 -1.76 -19.13
C GLU B 77 11.32 -2.05 -20.02
N ASN B 78 12.45 -2.39 -19.42
CA ASN B 78 13.66 -2.66 -20.18
C ASN B 78 14.04 -1.47 -21.06
N MET C 1 18.00 -5.97 14.02
CA MET C 1 17.14 -6.23 12.83
C MET C 1 15.78 -5.56 12.98
N LEU C 2 15.34 -5.38 14.23
CA LEU C 2 14.02 -4.81 14.50
C LEU C 2 13.83 -4.62 16.00
N GLN C 3 13.30 -3.47 16.39
CA GLN C 3 13.15 -3.08 17.79
C GLN C 3 11.68 -3.10 18.18
N CYS C 4 11.35 -3.77 19.29
CA CYS C 4 9.96 -3.87 19.68
C CYS C 4 9.81 -4.15 21.16
N TYR C 5 8.62 -3.86 21.66
CA TYR C 5 8.29 -4.11 23.07
C TYR C 5 8.14 -5.60 23.31
N ASN C 6 8.97 -6.14 24.20
CA ASN C 6 8.92 -7.56 24.53
C ASN C 6 8.89 -7.72 26.05
N CYS C 7 7.73 -8.12 26.56
CA CYS C 7 7.57 -8.45 27.97
C CYS C 7 7.28 -9.93 28.09
N PRO C 8 8.09 -10.72 28.81
CA PRO C 8 7.86 -12.17 28.81
C PRO C 8 6.59 -12.58 29.54
N ASN C 9 6.01 -11.70 30.34
CA ASN C 9 4.75 -11.98 31.02
C ASN C 9 3.72 -10.91 30.68
N PRO C 10 2.43 -11.24 30.77
CA PRO C 10 1.41 -10.23 30.47
C PRO C 10 1.44 -9.10 31.48
N THR C 11 1.52 -7.87 30.97
CA THR C 11 1.50 -6.68 31.82
C THR C 11 0.75 -5.58 31.09
N ALA C 12 -0.08 -4.85 31.84
CA ALA C 12 -0.87 -3.78 31.23
C ALA C 12 -0.01 -2.65 30.70
N ASP C 13 1.22 -2.48 31.22
CA ASP C 13 2.11 -1.38 30.84
C ASP C 13 3.48 -1.96 30.53
N CYS C 14 3.62 -2.57 29.34
CA CYS C 14 4.91 -3.07 28.90
C CYS C 14 5.76 -1.90 28.41
N LYS C 15 6.92 -1.72 29.03
CA LYS C 15 7.78 -0.57 28.75
C LYS C 15 9.19 -0.96 28.33
N THR C 16 9.48 -2.25 28.20
CA THR C 16 10.84 -2.73 27.92
C THR C 16 10.98 -3.02 26.43
N ALA C 17 11.92 -2.34 25.79
CA ALA C 17 12.19 -2.52 24.37
C ALA C 17 13.47 -3.33 24.19
N VAL C 18 13.45 -4.22 23.21
CA VAL C 18 14.60 -5.07 22.92
C VAL C 18 14.78 -5.16 21.41
N ASN C 19 16.03 -5.23 20.97
CA ASN C 19 16.33 -5.51 19.57
C ASN C 19 16.06 -6.99 19.32
N CYS C 20 14.94 -7.27 18.66
CA CYS C 20 14.54 -8.65 18.44
C CYS C 20 15.60 -9.41 17.66
N SER C 21 15.58 -10.74 17.80
CA SER C 21 16.58 -11.59 17.19
C SER C 21 16.30 -11.77 15.71
N SER C 22 17.25 -12.38 15.01
CA SER C 22 17.07 -12.69 13.59
C SER C 22 15.84 -13.55 13.37
N ASP C 23 15.51 -14.41 14.33
CA ASP C 23 14.36 -15.31 14.16
C ASP C 23 13.06 -14.53 13.99
N PHE C 24 12.99 -13.32 14.49
CA PHE C 24 11.76 -12.53 14.49
C PHE C 24 11.84 -11.43 13.45
N ASP C 25 10.74 -11.25 12.71
CA ASP C 25 10.65 -10.23 11.66
C ASP C 25 9.50 -9.26 11.86
N ALA C 26 8.57 -9.55 12.75
CA ALA C 26 7.41 -8.70 13.01
C ALA C 26 7.23 -8.54 14.51
N CYS C 27 6.17 -7.84 14.90
CA CYS C 27 5.93 -7.55 16.30
C CYS C 27 4.44 -7.63 16.59
N LEU C 28 4.12 -8.07 17.80
CA LEU C 28 2.76 -8.41 18.18
C LEU C 28 2.37 -7.71 19.46
N ILE C 29 1.15 -7.19 19.49
CA ILE C 29 0.50 -6.74 20.71
C ILE C 29 -0.92 -7.28 20.69
N THR C 30 -1.32 -7.95 21.77
CA THR C 30 -2.60 -8.65 21.82
C THR C 30 -3.32 -8.29 23.11
N LYS C 31 -4.65 -8.24 23.03
CA LYS C 31 -5.50 -8.02 24.20
C LYS C 31 -6.43 -9.22 24.31
N ALA C 32 -6.12 -10.13 25.22
CA ALA C 32 -6.92 -11.30 25.49
C ALA C 32 -7.70 -11.07 26.79
N GLY C 33 -8.99 -10.80 26.65
CA GLY C 33 -9.81 -10.49 27.81
C GLY C 33 -9.26 -9.31 28.59
N LEU C 34 -8.56 -9.59 29.70
CA LEU C 34 -7.99 -8.55 30.54
C LEU C 34 -6.47 -8.53 30.50
N GLN C 35 -5.84 -9.45 29.76
CA GLN C 35 -4.39 -9.54 29.68
C GLN C 35 -3.89 -8.91 28.39
N VAL C 36 -2.69 -8.36 28.45
CA VAL C 36 -2.05 -7.71 27.30
C VAL C 36 -0.68 -8.30 27.11
N TYR C 37 -0.37 -8.71 25.88
CA TYR C 37 0.93 -9.25 25.52
C TYR C 37 1.64 -8.30 24.57
N ASN C 38 2.96 -8.22 24.71
CA ASN C 38 3.82 -7.47 23.80
C ASN C 38 5.11 -8.28 23.63
N LYS C 39 5.44 -8.63 22.40
CA LYS C 39 6.64 -9.44 22.22
C LYS C 39 7.03 -9.48 20.74
N CYS C 40 8.31 -9.78 20.51
CA CYS C 40 8.79 -10.07 19.17
C CYS C 40 8.03 -11.27 18.62
N TRP C 41 7.70 -11.22 17.34
CA TRP C 41 6.82 -12.22 16.75
C TRP C 41 7.25 -12.47 15.32
N LYS C 42 6.66 -13.50 14.71
CA LYS C 42 6.85 -13.82 13.31
C LYS C 42 5.57 -13.51 12.55
N PHE C 43 5.71 -12.81 11.42
CA PHE C 43 4.53 -12.38 10.67
C PHE C 43 3.68 -13.57 10.22
N GLU C 44 4.33 -14.69 9.89
CA GLU C 44 3.58 -15.86 9.47
C GLU C 44 2.69 -16.41 10.57
N HIS C 45 2.95 -16.03 11.83
CA HIS C 45 2.11 -16.43 12.96
C HIS C 45 1.17 -15.33 13.40
N CYS C 46 1.00 -14.29 12.59
CA CYS C 46 0.05 -13.21 12.90
C CYS C 46 -1.34 -13.56 12.38
N ASN C 47 -1.82 -14.71 12.84
CA ASN C 47 -3.17 -15.17 12.55
C ASN C 47 -3.86 -15.52 13.87
N PHE C 48 -5.19 -15.51 13.84
CA PHE C 48 -5.93 -15.78 15.07
C PHE C 48 -5.53 -17.13 15.66
N ASN C 49 -5.49 -18.16 14.82
CA ASN C 49 -5.25 -19.51 15.33
C ASN C 49 -3.90 -19.63 16.03
N ASP C 50 -2.87 -18.98 15.48
CA ASP C 50 -1.53 -19.11 16.05
C ASP C 50 -1.42 -18.35 17.37
N VAL C 51 -1.90 -17.10 17.40
CA VAL C 51 -1.82 -16.29 18.61
C VAL C 51 -2.64 -16.93 19.72
N THR C 52 -3.83 -17.42 19.38
CA THR C 52 -4.68 -18.13 20.34
C THR C 52 -3.91 -19.27 20.99
N THR C 53 -3.29 -20.12 20.17
CA THR C 53 -2.64 -21.33 20.67
C THR C 53 -1.32 -21.02 21.37
N ARG C 54 -0.53 -20.10 20.82
CA ARG C 54 0.79 -19.81 21.37
C ARG C 54 0.74 -18.99 22.64
N LEU C 55 -0.39 -18.35 22.94
CA LEU C 55 -0.56 -17.61 24.18
C LEU C 55 -1.60 -18.21 25.11
N ARG C 56 -2.30 -19.27 24.68
CA ARG C 56 -3.25 -19.98 25.53
C ARG C 56 -4.40 -19.07 25.96
N GLU C 57 -4.89 -18.27 25.02
CA GLU C 57 -5.98 -17.33 25.26
C GLU C 57 -7.13 -17.66 24.32
N ASN C 58 -8.28 -18.04 24.88
CA ASN C 58 -9.39 -18.50 24.06
C ASN C 58 -9.91 -17.40 23.14
N GLU C 59 -10.12 -16.20 23.68
CA GLU C 59 -10.65 -15.07 22.92
C GLU C 59 -9.68 -13.90 23.03
N LEU C 60 -9.42 -13.23 21.91
CA LEU C 60 -8.45 -12.15 21.89
C LEU C 60 -8.63 -11.31 20.65
N THR C 61 -7.95 -10.16 20.66
CA THR C 61 -7.76 -9.30 19.50
C THR C 61 -6.28 -8.95 19.44
N TYR C 62 -5.71 -8.91 18.23
CA TYR C 62 -4.28 -8.75 18.09
C TYR C 62 -3.93 -7.82 16.94
N TYR C 63 -2.68 -7.39 16.93
CA TYR C 63 -2.18 -6.46 15.93
C TYR C 63 -0.71 -6.77 15.65
N CYS C 64 -0.33 -6.75 14.37
CA CYS C 64 1.04 -7.05 13.96
C CYS C 64 1.56 -5.97 13.02
N CYS C 65 2.85 -5.70 13.12
CA CYS C 65 3.50 -4.67 12.33
C CYS C 65 4.98 -4.96 12.23
N LYS C 66 5.70 -4.09 11.49
CA LYS C 66 7.12 -4.27 11.23
C LYS C 66 7.92 -2.99 11.42
N LYS C 67 7.36 -2.00 12.12
CA LYS C 67 8.09 -0.79 12.45
C LYS C 67 8.56 -0.84 13.91
N ASP C 68 9.62 -0.09 14.18
CA ASP C 68 10.26 -0.15 15.50
C ASP C 68 9.31 0.39 16.58
N LEU C 69 9.19 -0.36 17.67
CA LEU C 69 8.35 0.03 18.81
C LEU C 69 6.94 0.43 18.34
N CYS C 70 6.44 -0.30 17.35
CA CYS C 70 5.10 -0.03 16.83
C CYS C 70 4.00 -0.69 17.67
N ASN C 71 4.33 -1.79 18.35
CA ASN C 71 3.33 -2.61 19.01
C ASN C 71 2.97 -2.07 20.39
N PHE C 72 2.63 -0.78 20.47
CA PHE C 72 2.17 -0.21 21.73
C PHE C 72 0.68 -0.46 21.89
N ASN C 73 0.22 -0.40 23.14
CA ASN C 73 -1.10 -0.90 23.48
C ASN C 73 -2.20 -0.07 22.85
N GLU C 74 -1.98 1.23 22.66
CA GLU C 74 -2.98 2.10 22.06
C GLU C 74 -3.27 1.76 20.61
N GLN C 75 -2.65 0.72 20.04
CA GLN C 75 -2.91 0.30 18.68
C GLN C 75 -4.16 -0.57 18.55
N LEU C 76 -4.69 -1.08 19.67
CA LEU C 76 -5.93 -1.85 19.68
C LEU C 76 -7.00 -1.08 20.44
N GLU C 77 -8.24 -1.26 20.01
CA GLU C 77 -9.32 -0.38 20.46
C GLU C 77 -9.65 -0.58 21.93
N ASN C 78 -9.44 -1.79 22.47
CA ASN C 78 -9.68 -2.06 23.88
C ASN C 78 -11.17 -2.10 24.20
N CYS D 18 34.50 8.12 -64.83
CA CYS D 18 34.25 8.35 -63.41
C CYS D 18 35.20 7.50 -62.55
N ALA D 19 35.60 8.06 -61.41
CA ALA D 19 36.55 7.49 -60.47
C ALA D 19 37.29 8.65 -59.81
N ALA D 20 37.84 8.43 -58.61
CA ALA D 20 38.39 9.52 -57.81
C ALA D 20 37.26 10.47 -57.43
N LYS D 21 36.50 10.95 -58.42
CA LYS D 21 35.19 11.53 -58.13
C LYS D 21 34.35 10.59 -57.29
N LYS D 22 34.59 9.28 -57.40
CA LYS D 22 33.97 8.32 -56.50
C LYS D 22 34.58 8.46 -55.11
N ASP D 23 34.48 9.66 -54.54
CA ASP D 23 34.90 9.87 -53.16
C ASP D 23 33.87 10.71 -52.41
N SER D 24 32.61 10.63 -52.85
CA SER D 24 31.52 10.79 -51.90
C SER D 24 31.60 9.71 -50.83
N LEU D 25 32.15 8.54 -51.19
CA LEU D 25 32.34 7.47 -50.22
C LEU D 25 33.43 7.84 -49.23
N ASN D 26 33.45 7.10 -48.12
CA ASN D 26 34.28 7.36 -46.96
C ASN D 26 35.25 8.52 -47.12
N ASN D 27 34.71 9.70 -47.47
CA ASN D 27 35.46 10.94 -47.50
C ASN D 27 34.50 12.07 -47.15
N TYR D 28 33.31 12.03 -47.74
CA TYR D 28 32.18 12.81 -47.25
C TYR D 28 31.21 11.98 -46.43
N LEU D 29 31.05 10.70 -46.76
CA LEU D 29 30.14 9.83 -46.03
C LEU D 29 30.82 9.06 -44.89
N TRP D 30 32.13 9.18 -44.73
CA TRP D 30 32.82 8.70 -43.54
C TRP D 30 33.12 9.80 -42.55
N ASP D 31 33.30 11.03 -43.03
CA ASP D 31 33.56 12.17 -42.18
C ASP D 31 32.29 12.81 -41.65
N LEU D 32 31.12 12.20 -41.90
CA LEU D 32 29.89 12.72 -41.34
C LEU D 32 29.91 12.60 -39.82
N GLN D 33 29.63 13.72 -39.16
CA GLN D 33 29.69 13.83 -37.71
C GLN D 33 28.27 13.83 -37.15
N TYR D 34 27.90 12.75 -36.47
CA TYR D 34 26.65 12.72 -35.73
C TYR D 34 26.75 11.70 -34.61
N ASP D 35 25.94 11.91 -33.58
CA ASP D 35 25.86 11.00 -32.44
C ASP D 35 24.76 9.98 -32.75
N LYS D 36 25.18 8.74 -33.03
CA LYS D 36 24.25 7.74 -33.52
C LYS D 36 23.02 7.58 -32.63
N THR D 37 23.12 7.91 -31.34
CA THR D 37 22.06 7.58 -30.39
C THR D 37 21.25 8.79 -29.94
N ASN D 38 21.48 9.97 -30.51
CA ASN D 38 20.59 11.11 -30.29
C ASN D 38 19.91 11.60 -31.55
N ILE D 39 20.53 11.38 -32.72
CA ILE D 39 19.97 11.86 -33.97
C ILE D 39 18.58 11.31 -34.21
N LEU D 40 18.22 10.22 -33.55
CA LEU D 40 16.88 9.61 -33.67
C LEU D 40 16.33 9.34 -32.27
N ALA D 41 16.13 10.41 -31.50
CA ALA D 41 15.67 10.31 -30.13
C ALA D 41 14.57 11.33 -29.87
N ARG D 42 13.43 10.85 -29.38
CA ARG D 42 12.29 11.69 -29.05
C ARG D 42 12.15 11.83 -27.55
N HIS D 43 11.82 13.05 -27.10
CA HIS D 43 11.59 13.33 -25.69
C HIS D 43 10.29 14.10 -25.54
N GLY D 44 9.62 13.90 -24.41
CA GLY D 44 8.42 14.65 -24.09
C GLY D 44 8.64 15.57 -22.91
N GLU D 45 7.78 16.56 -22.74
CA GLU D 45 7.90 17.46 -21.60
C GLU D 45 7.67 16.68 -20.31
N THR D 46 8.33 17.13 -19.24
CA THR D 46 8.41 16.35 -18.01
C THR D 46 7.23 16.64 -17.09
N ILE D 47 6.99 15.69 -16.19
CA ILE D 47 5.95 15.80 -15.16
C ILE D 47 6.60 15.49 -13.82
N GLU D 48 6.38 16.36 -12.84
CA GLU D 48 6.88 16.08 -11.50
C GLU D 48 6.03 15.00 -10.85
N ASN D 49 6.66 14.23 -9.96
CA ASN D 49 5.99 13.09 -9.34
C ASN D 49 4.65 13.53 -8.75
N LYS D 50 3.66 12.64 -8.87
CA LYS D 50 2.30 12.94 -8.45
C LYS D 50 1.61 11.63 -8.06
N PHE D 51 0.74 11.72 -7.06
CA PHE D 51 -0.02 10.57 -6.58
C PHE D 51 -1.39 11.06 -6.13
N SER D 52 -2.42 10.30 -6.46
CA SER D 52 -3.80 10.76 -6.23
C SER D 52 -4.72 9.56 -6.17
N SER D 53 -5.77 9.68 -5.35
CA SER D 53 -6.76 8.63 -5.23
C SER D 53 -8.12 9.24 -4.90
N ASP D 54 -9.17 8.45 -5.13
CA ASP D 54 -10.52 8.80 -4.75
C ASP D 54 -11.39 7.56 -4.89
N SER D 55 -12.54 7.56 -4.21
CA SER D 55 -13.42 6.41 -4.17
C SER D 55 -14.84 6.84 -4.51
N PHE D 56 -15.59 5.91 -5.14
CA PHE D 56 -16.93 6.21 -5.67
C PHE D 56 -18.01 5.87 -4.65
N ASN D 57 -18.23 4.58 -4.41
CA ASN D 57 -19.36 4.08 -3.62
C ASN D 57 -20.66 4.20 -4.40
N LYS D 58 -20.62 3.88 -5.69
CA LYS D 58 -21.79 4.04 -6.57
C LYS D 58 -22.71 2.84 -6.47
N ASN D 59 -22.33 1.72 -7.11
CA ASN D 59 -23.06 0.47 -6.93
C ASN D 59 -23.05 0.09 -5.46
N GLY D 60 -23.52 -1.11 -5.12
CA GLY D 60 -23.15 -1.68 -3.85
C GLY D 60 -21.65 -1.76 -3.69
N GLU D 61 -20.92 -1.65 -4.80
CA GLU D 61 -19.46 -1.64 -4.81
C GLU D 61 -18.93 -0.35 -4.19
N PHE D 62 -17.60 -0.26 -4.10
CA PHE D 62 -16.92 0.88 -3.49
C PHE D 62 -16.02 1.59 -4.48
N VAL D 63 -15.04 0.90 -5.08
CA VAL D 63 -14.25 1.40 -6.20
C VAL D 63 -13.25 2.47 -5.76
N VAL D 64 -12.01 2.32 -6.19
CA VAL D 64 -10.94 3.30 -5.94
C VAL D 64 -10.18 3.51 -7.24
N VAL D 65 -9.90 4.78 -7.54
CA VAL D 65 -9.15 5.17 -8.74
C VAL D 65 -7.84 5.81 -8.29
N GLU D 66 -6.73 5.36 -8.86
CA GLU D 66 -5.39 5.77 -8.44
C GLU D 66 -4.66 6.36 -9.64
N HIS D 67 -4.18 7.59 -9.49
CA HIS D 67 -3.42 8.27 -10.54
C HIS D 67 -1.97 8.43 -10.09
N GLN D 68 -1.04 8.02 -10.94
CA GLN D 68 0.38 8.02 -10.58
C GLN D 68 1.22 8.41 -11.78
N LYS D 69 2.22 9.25 -11.55
CA LYS D 69 3.13 9.66 -12.61
C LYS D 69 4.12 8.53 -12.91
N LYS D 70 4.40 8.34 -14.19
CA LYS D 70 5.32 7.31 -14.63
C LYS D 70 5.99 7.76 -15.91
N ASN D 71 6.92 6.94 -16.39
CA ASN D 71 7.68 7.24 -17.59
C ASN D 71 7.77 6.00 -18.47
N ILE D 72 7.66 6.20 -19.78
CA ILE D 72 7.89 5.15 -20.76
C ILE D 72 9.12 5.53 -21.56
N THR D 73 10.12 4.65 -21.58
CA THR D 73 11.27 4.77 -22.45
C THR D 73 11.33 3.54 -23.34
N ASN D 74 11.21 3.76 -24.65
CA ASN D 74 11.13 2.68 -25.61
C ASN D 74 12.15 2.92 -26.72
N THR D 75 12.98 1.91 -26.97
CA THR D 75 13.99 1.98 -28.03
C THR D 75 13.83 0.76 -28.92
N THR D 76 13.46 0.99 -30.18
CA THR D 76 13.24 -0.09 -31.13
C THR D 76 13.92 0.24 -32.46
N SER D 77 14.36 -0.81 -33.15
CA SER D 77 14.89 -0.71 -34.50
C SER D 77 13.91 -1.21 -35.55
N ASN D 78 13.01 -2.13 -35.18
CA ASN D 78 12.01 -2.66 -36.09
C ASN D 78 10.85 -1.67 -36.17
N LEU D 79 10.70 -1.01 -37.30
CA LEU D 79 9.71 0.04 -37.49
C LEU D 79 8.54 -0.48 -38.31
N SER D 80 7.35 0.05 -38.04
CA SER D 80 6.12 -0.47 -38.63
C SER D 80 5.87 0.13 -40.01
N VAL D 81 5.38 -0.70 -40.91
CA VAL D 81 4.93 -0.26 -42.22
C VAL D 81 3.45 0.12 -42.13
N THR D 82 3.07 1.14 -42.90
CA THR D 82 1.69 1.61 -42.92
C THR D 82 1.36 2.09 -44.32
N SER D 83 0.14 2.60 -44.49
CA SER D 83 -0.26 3.15 -45.78
C SER D 83 0.54 4.41 -46.11
N ALA D 84 0.65 5.32 -45.14
CA ALA D 84 1.28 6.61 -45.40
C ALA D 84 2.75 6.49 -45.76
N ASN D 85 3.42 5.39 -45.37
CA ASN D 85 4.84 5.22 -45.66
C ASN D 85 5.14 4.02 -46.56
N ASP D 86 4.14 3.20 -46.91
CA ASP D 86 4.42 2.02 -47.72
C ASP D 86 5.09 2.40 -49.04
N ASP D 87 4.66 3.50 -49.66
CA ASP D 87 5.24 3.91 -50.94
C ASP D 87 6.73 4.21 -50.83
N ARG D 88 7.23 4.50 -49.62
CA ARG D 88 8.62 4.84 -49.42
C ARG D 88 9.43 3.71 -48.80
N VAL D 89 8.79 2.65 -48.33
CA VAL D 89 9.47 1.58 -47.62
C VAL D 89 9.68 0.43 -48.58
N TYR D 90 10.94 0.14 -48.89
CA TYR D 90 11.32 -1.05 -49.63
C TYR D 90 12.77 -1.35 -49.33
N PRO D 91 13.21 -2.60 -49.48
CA PRO D 91 14.62 -2.92 -49.25
C PRO D 91 15.52 -2.09 -50.15
N GLY D 92 16.60 -1.58 -49.58
CA GLY D 92 17.54 -0.76 -50.31
C GLY D 92 17.20 0.72 -50.38
N ALA D 93 15.99 1.11 -49.98
CA ALA D 93 15.61 2.51 -50.04
C ALA D 93 16.53 3.37 -49.18
N LEU D 94 16.64 4.64 -49.54
CA LEU D 94 17.51 5.59 -48.86
C LEU D 94 16.66 6.65 -48.16
N PHE D 95 16.99 6.92 -46.90
CA PHE D 95 16.32 7.95 -46.11
C PHE D 95 17.35 8.83 -45.44
N ARG D 96 16.90 10.01 -45.01
CA ARG D 96 17.65 10.84 -44.08
C ARG D 96 17.16 10.57 -42.67
N ALA D 97 18.11 10.45 -41.74
CA ALA D 97 17.77 10.24 -40.33
C ALA D 97 17.33 11.57 -39.72
N ASP D 98 16.15 12.01 -40.15
CA ASP D 98 15.63 13.31 -39.74
C ASP D 98 14.32 13.14 -38.98
N LYS D 99 13.55 14.22 -38.82
CA LYS D 99 12.29 14.14 -38.11
C LYS D 99 11.26 13.34 -38.87
N ASN D 100 11.42 13.20 -40.19
CA ASN D 100 10.46 12.42 -40.98
C ASN D 100 10.53 10.94 -40.63
N LEU D 101 11.74 10.42 -40.44
CA LEU D 101 11.87 9.01 -40.05
C LEU D 101 11.35 8.78 -38.65
N MET D 102 11.59 9.72 -37.73
CA MET D 102 11.11 9.56 -36.36
C MET D 102 9.60 9.63 -36.28
N ASP D 103 8.96 10.31 -37.23
CA ASP D 103 7.51 10.29 -37.35
C ASP D 103 7.02 9.10 -38.18
N ASN D 104 7.90 8.15 -38.49
CA ASN D 104 7.58 6.99 -39.30
C ASN D 104 7.02 7.39 -40.66
N MET D 105 7.48 8.52 -41.19
CA MET D 105 7.13 8.97 -42.54
C MET D 105 8.41 9.39 -43.27
N PRO D 106 9.36 8.47 -43.41
CA PRO D 106 10.66 8.86 -43.97
C PRO D 106 10.54 9.42 -45.37
N SER D 107 11.46 10.33 -45.70
CA SER D 107 11.51 10.97 -47.00
C SER D 107 12.61 10.33 -47.84
N LEU D 108 12.27 9.94 -49.07
CA LEU D 108 13.22 9.31 -49.96
C LEU D 108 14.36 10.28 -50.30
N ILE D 109 15.58 9.75 -50.32
CA ILE D 109 16.72 10.46 -50.92
C ILE D 109 16.73 10.05 -52.39
N SER D 110 16.20 10.90 -53.26
CA SER D 110 16.34 10.68 -54.68
C SER D 110 17.81 10.82 -55.07
N ALA D 111 18.21 10.04 -56.08
CA ALA D 111 19.57 10.07 -56.61
C ALA D 111 19.74 8.95 -57.62
N ASN D 112 20.52 9.19 -58.67
CA ASN D 112 20.82 8.13 -59.62
C ASN D 112 21.49 6.98 -58.87
N ARG D 113 20.72 5.92 -58.60
CA ARG D 113 21.17 4.85 -57.73
C ARG D 113 21.98 3.81 -58.50
N ALA D 114 22.88 3.15 -57.79
CA ALA D 114 23.62 2.01 -58.29
C ALA D 114 22.82 0.73 -58.10
N PRO D 115 23.14 -0.34 -58.82
CA PRO D 115 22.47 -1.61 -58.57
C PRO D 115 22.75 -2.11 -57.16
N ILE D 116 21.80 -2.87 -56.62
CA ILE D 116 21.90 -3.42 -55.28
C ILE D 116 21.38 -4.85 -55.30
N THR D 117 21.95 -5.68 -54.45
CA THR D 117 21.58 -7.09 -54.35
C THR D 117 20.70 -7.32 -53.14
N LEU D 118 19.76 -8.26 -53.28
CA LEU D 118 18.82 -8.60 -52.21
C LEU D 118 18.85 -10.10 -51.95
N SER D 119 18.35 -10.48 -50.77
CA SER D 119 18.30 -11.88 -50.37
C SER D 119 17.03 -12.08 -49.53
N VAL D 120 16.58 -13.34 -49.48
CA VAL D 120 15.36 -13.69 -48.78
C VAL D 120 15.59 -14.97 -47.97
N ASP D 121 14.95 -15.05 -46.81
CA ASP D 121 14.95 -16.26 -46.01
C ASP D 121 14.36 -17.41 -46.81
N LEU D 122 13.18 -17.89 -46.41
CA LEU D 122 12.45 -18.95 -47.09
C LEU D 122 13.26 -20.25 -47.12
N PRO D 123 12.66 -21.38 -46.76
CA PRO D 123 13.44 -22.62 -46.67
C PRO D 123 13.81 -23.14 -48.05
N GLY D 124 14.94 -23.83 -48.11
CA GLY D 124 15.48 -24.29 -49.37
C GLY D 124 16.45 -23.29 -49.95
N PHE D 125 16.40 -23.07 -51.26
CA PHE D 125 17.30 -22.14 -51.94
C PHE D 125 18.75 -22.54 -51.76
N HIS D 126 19.53 -22.52 -52.83
CA HIS D 126 20.91 -22.97 -52.82
C HIS D 126 21.84 -21.86 -53.29
N GLY D 127 22.95 -21.70 -52.57
CA GLY D 127 24.01 -20.78 -52.97
C GLY D 127 23.54 -19.36 -53.19
N GLY D 128 22.99 -19.08 -54.37
CA GLY D 128 22.60 -17.72 -54.72
C GLY D 128 21.21 -17.63 -55.29
N GLU D 129 20.45 -18.72 -55.26
CA GLU D 129 19.08 -18.68 -55.73
C GLU D 129 18.18 -17.90 -54.78
N SER D 130 18.60 -17.70 -53.54
CA SER D 130 17.87 -16.85 -52.61
C SER D 130 18.14 -15.36 -52.84
N ALA D 131 18.98 -15.01 -53.82
CA ALA D 131 19.39 -13.65 -54.03
C ALA D 131 18.94 -13.15 -55.40
N VAL D 132 18.81 -11.84 -55.51
CA VAL D 132 18.41 -11.19 -56.75
C VAL D 132 19.03 -9.80 -56.77
N THR D 133 19.40 -9.35 -57.96
CA THR D 133 20.02 -8.05 -58.16
C THR D 133 19.04 -7.12 -58.87
N VAL D 134 18.78 -5.96 -58.27
CA VAL D 134 17.91 -4.95 -58.83
C VAL D 134 18.80 -3.86 -59.42
N GLN D 135 18.63 -3.59 -60.72
CA GLN D 135 19.54 -2.67 -61.41
C GLN D 135 19.26 -1.22 -61.06
N ARG D 136 17.98 -0.83 -61.01
CA ARG D 136 17.59 0.54 -60.69
C ARG D 136 16.63 0.52 -59.49
N PRO D 137 17.16 0.53 -58.27
CA PRO D 137 16.29 0.44 -57.08
C PRO D 137 15.20 1.51 -57.03
N THR D 138 13.96 1.07 -57.17
CA THR D 138 12.78 1.91 -57.00
C THR D 138 11.74 1.07 -56.28
N LYS D 139 10.80 1.76 -55.61
CA LYS D 139 9.69 1.04 -54.99
C LYS D 139 9.09 0.03 -55.96
N SER D 140 8.70 0.49 -57.14
CA SER D 140 8.13 -0.39 -58.15
C SER D 140 9.11 -1.51 -58.51
N SER D 141 10.37 -1.15 -58.80
CA SER D 141 11.31 -2.12 -59.34
C SER D 141 11.69 -3.17 -58.30
N VAL D 142 11.91 -2.76 -57.05
CA VAL D 142 12.26 -3.72 -56.01
C VAL D 142 11.07 -4.61 -55.68
N THR D 143 9.87 -4.05 -55.70
CA THR D 143 8.67 -4.86 -55.48
C THR D 143 8.60 -6.00 -56.50
N SER D 144 8.60 -5.64 -57.79
CA SER D 144 8.59 -6.66 -58.83
C SER D 144 9.74 -7.64 -58.68
N ALA D 145 10.89 -7.17 -58.18
CA ALA D 145 12.03 -8.06 -57.96
C ALA D 145 11.77 -9.01 -56.80
N VAL D 146 11.07 -8.54 -55.77
CA VAL D 146 10.74 -9.42 -54.64
C VAL D 146 9.65 -10.40 -55.03
N ASN D 147 8.57 -9.90 -55.65
CA ASN D 147 7.51 -10.78 -56.12
C ASN D 147 8.08 -11.89 -57.00
N GLY D 148 8.99 -11.53 -57.91
CA GLY D 148 9.59 -12.52 -58.78
C GLY D 148 10.41 -13.55 -58.04
N LEU D 149 11.02 -13.17 -56.93
CA LEU D 149 11.78 -14.11 -56.11
C LEU D 149 10.87 -14.97 -55.25
N VAL D 150 9.71 -14.42 -54.85
CA VAL D 150 8.69 -15.24 -54.18
C VAL D 150 7.88 -16.02 -55.20
N SER D 151 7.75 -15.51 -56.43
CA SER D 151 6.91 -16.11 -57.46
C SER D 151 7.40 -17.48 -57.90
N LYS D 152 8.36 -18.06 -57.18
CA LYS D 152 9.09 -19.18 -57.73
C LYS D 152 9.64 -20.09 -56.64
N TRP D 153 10.04 -19.51 -55.50
CA TRP D 153 10.15 -20.34 -54.31
C TRP D 153 8.84 -21.10 -54.11
N ASN D 154 7.72 -20.47 -54.47
CA ASN D 154 6.45 -21.16 -54.65
C ASN D 154 6.38 -21.87 -56.00
N ALA D 155 7.46 -22.53 -56.40
CA ALA D 155 7.50 -23.30 -57.64
C ALA D 155 8.52 -24.43 -57.50
N GLN D 156 9.70 -24.12 -56.99
CA GLN D 156 10.70 -25.12 -56.68
C GLN D 156 10.50 -25.73 -55.29
N TYR D 157 9.92 -24.97 -54.36
CA TYR D 157 9.76 -25.42 -52.99
C TYR D 157 8.37 -25.14 -52.42
N GLY D 158 7.45 -24.60 -53.23
CA GLY D 158 6.12 -24.29 -52.71
C GLY D 158 5.44 -25.50 -52.09
N ALA D 159 5.48 -26.63 -52.78
CA ALA D 159 4.89 -27.85 -52.25
C ALA D 159 5.80 -28.56 -51.26
N SER D 160 7.10 -28.29 -51.29
CA SER D 160 8.05 -28.98 -50.43
C SER D 160 8.13 -28.39 -49.03
N HIS D 161 7.54 -27.22 -48.79
CA HIS D 161 7.64 -26.58 -47.48
C HIS D 161 6.36 -25.80 -47.19
N HIS D 162 5.88 -25.91 -45.96
CA HIS D 162 4.83 -25.04 -45.43
C HIS D 162 5.50 -24.05 -44.48
N VAL D 163 5.48 -22.77 -44.85
CA VAL D 163 6.16 -21.73 -44.08
C VAL D 163 5.19 -21.22 -43.02
N ALA D 164 5.57 -21.39 -41.75
CA ALA D 164 4.78 -20.87 -40.65
C ALA D 164 5.02 -19.37 -40.52
N ALA D 165 4.46 -18.76 -39.48
CA ALA D 165 4.71 -17.38 -39.16
C ALA D 165 5.49 -17.30 -37.86
N ARG D 166 6.32 -16.27 -37.75
CA ARG D 166 7.05 -15.99 -36.50
C ARG D 166 6.33 -14.85 -35.81
N MET D 167 5.57 -15.19 -34.78
CA MET D 167 4.71 -14.23 -34.10
C MET D 167 5.52 -13.33 -33.18
N GLN D 168 5.19 -12.04 -33.20
CA GLN D 168 5.80 -11.07 -32.30
C GLN D 168 4.77 -9.99 -32.03
N TYR D 169 4.68 -9.56 -30.77
CA TYR D 169 3.70 -8.56 -30.40
C TYR D 169 4.24 -7.71 -29.26
N ASP D 170 3.68 -6.50 -29.15
CA ASP D 170 3.99 -5.58 -28.06
C ASP D 170 2.69 -5.14 -27.42
N SER D 171 2.60 -5.29 -26.10
CA SER D 171 1.42 -4.94 -25.35
C SER D 171 1.68 -3.73 -24.47
N ALA D 172 0.65 -2.91 -24.28
CA ALA D 172 0.75 -1.76 -23.40
C ALA D 172 -0.65 -1.39 -22.92
N SER D 173 -0.72 -0.96 -21.67
CA SER D 173 -1.95 -0.37 -21.16
C SER D 173 -2.22 0.95 -21.88
N ALA D 174 -3.51 1.27 -22.05
CA ALA D 174 -3.91 2.51 -22.69
C ALA D 174 -4.11 3.56 -21.61
N GLN D 175 -3.13 4.44 -21.46
CA GLN D 175 -3.16 5.50 -20.46
C GLN D 175 -3.21 6.90 -21.06
N SER D 176 -2.42 7.17 -22.09
CA SER D 176 -2.43 8.48 -22.74
C SER D 176 -1.94 8.33 -24.16
N MET D 177 -2.30 9.31 -25.00
CA MET D 177 -1.81 9.31 -26.37
C MET D 177 -0.29 9.49 -26.41
N ASN D 178 0.25 10.33 -25.52
CA ASN D 178 1.69 10.57 -25.51
C ASN D 178 2.47 9.30 -25.21
N GLN D 179 2.01 8.51 -24.25
CA GLN D 179 2.73 7.29 -23.89
C GLN D 179 2.49 6.18 -24.92
N LEU D 180 1.35 6.22 -25.62
CA LEU D 180 1.09 5.24 -26.66
C LEU D 180 1.93 5.53 -27.90
N LYS D 181 2.19 6.81 -28.19
CA LYS D 181 3.08 7.15 -29.29
C LYS D 181 4.50 6.68 -29.01
N ALA D 182 4.97 6.86 -27.77
CA ALA D 182 6.30 6.38 -27.40
C ALA D 182 6.38 4.86 -27.51
N LYS D 183 5.28 4.16 -27.23
CA LYS D 183 5.28 2.71 -27.28
C LYS D 183 5.18 2.18 -28.71
N PHE D 184 4.33 2.79 -29.53
CA PHE D 184 3.99 2.25 -30.85
C PHE D 184 4.42 3.12 -32.01
N GLY D 185 4.86 4.35 -31.78
CA GLY D 185 5.31 5.23 -32.85
C GLY D 185 4.57 6.55 -32.84
N ALA D 186 5.28 7.60 -33.27
CA ALA D 186 4.71 8.94 -33.26
C ALA D 186 3.46 9.05 -34.13
N ASP D 187 3.26 8.11 -35.06
CA ASP D 187 2.09 8.12 -35.94
C ASP D 187 0.92 7.34 -35.37
N PHE D 188 0.94 6.99 -34.08
CA PHE D 188 -0.08 6.11 -33.53
C PHE D 188 -1.46 6.77 -33.53
N ALA D 189 -1.51 8.09 -33.37
CA ALA D 189 -2.80 8.78 -33.30
C ALA D 189 -3.65 8.51 -34.54
N LYS D 190 -3.00 8.41 -35.71
CA LYS D 190 -3.73 8.15 -36.95
C LYS D 190 -3.99 6.66 -37.16
N ILE D 191 -3.26 5.79 -36.46
CA ILE D 191 -3.56 4.37 -36.49
C ILE D 191 -4.64 4.03 -35.46
N GLY D 192 -4.68 4.76 -34.35
CA GLY D 192 -5.57 4.43 -33.26
C GLY D 192 -6.87 5.21 -33.27
N VAL D 193 -7.23 5.76 -34.41
CA VAL D 193 -8.55 6.38 -34.59
C VAL D 193 -9.57 5.28 -34.85
N PRO D 194 -9.34 4.37 -35.80
CA PRO D 194 -10.26 3.23 -35.94
C PRO D 194 -10.49 2.50 -34.63
N LEU D 195 -9.47 2.41 -33.79
CA LEU D 195 -9.64 1.96 -32.40
C LEU D 195 -10.21 3.12 -31.61
N LYS D 196 -11.45 3.00 -31.15
CA LYS D 196 -12.10 4.09 -30.43
C LYS D 196 -11.67 4.06 -28.96
N ILE D 197 -10.42 4.47 -28.74
CA ILE D 197 -9.88 4.51 -27.38
C ILE D 197 -10.56 5.65 -26.63
N ASP D 198 -11.24 5.31 -25.54
CA ASP D 198 -12.04 6.30 -24.81
C ASP D 198 -11.16 7.21 -23.96
N PHE D 199 -10.11 6.67 -23.34
CA PHE D 199 -9.21 7.45 -22.49
C PHE D 199 -9.97 8.11 -21.33
N ASP D 200 -10.90 9.01 -21.64
CA ASP D 200 -11.74 9.60 -20.61
C ASP D 200 -12.31 8.52 -19.70
N ALA D 201 -12.77 7.41 -20.28
CA ALA D 201 -13.31 6.32 -19.48
C ALA D 201 -12.23 5.61 -18.69
N VAL D 202 -11.00 5.57 -19.20
CA VAL D 202 -9.91 4.97 -18.45
C VAL D 202 -9.50 5.85 -17.29
N HIS D 203 -9.46 7.18 -17.51
CA HIS D 203 -9.05 8.09 -16.46
C HIS D 203 -10.09 8.17 -15.34
N LYS D 204 -11.35 7.94 -15.67
CA LYS D 204 -12.43 7.95 -14.67
C LYS D 204 -12.62 6.60 -14.00
N GLY D 205 -11.77 5.62 -14.28
CA GLY D 205 -11.91 4.31 -13.69
C GLY D 205 -13.07 3.49 -14.20
N GLU D 206 -13.75 3.97 -15.24
CA GLU D 206 -14.91 3.28 -15.79
C GLU D 206 -14.53 2.22 -16.82
N LYS D 207 -13.25 2.06 -17.13
CA LYS D 207 -12.84 1.14 -18.17
C LYS D 207 -11.36 0.81 -18.02
N GLN D 208 -11.00 -0.40 -18.43
CA GLN D 208 -9.62 -0.80 -18.61
C GLN D 208 -9.42 -1.20 -20.06
N THR D 209 -8.32 -0.76 -20.67
CA THR D 209 -8.06 -0.99 -22.07
C THR D 209 -6.62 -1.44 -22.28
N GLN D 210 -6.41 -2.34 -23.22
CA GLN D 210 -5.09 -2.85 -23.58
C GLN D 210 -4.94 -2.81 -25.09
N ILE D 211 -3.79 -2.33 -25.55
CA ILE D 211 -3.49 -2.22 -26.97
C ILE D 211 -2.34 -3.16 -27.28
N VAL D 212 -2.53 -4.01 -28.29
CA VAL D 212 -1.52 -4.98 -28.70
C VAL D 212 -1.31 -4.87 -30.20
N ASN D 213 -0.05 -4.82 -30.61
CA ASN D 213 0.33 -4.76 -32.02
C ASN D 213 0.97 -6.10 -32.41
N PHE D 214 0.31 -6.82 -33.31
CA PHE D 214 0.76 -8.15 -33.70
C PHE D 214 1.51 -8.08 -35.02
N LYS D 215 2.56 -8.88 -35.14
CA LYS D 215 3.35 -8.97 -36.37
C LYS D 215 3.69 -10.44 -36.61
N GLN D 216 3.08 -11.04 -37.62
CA GLN D 216 3.32 -12.42 -38.00
C GLN D 216 4.17 -12.41 -39.27
N THR D 217 5.42 -12.82 -39.14
CA THR D 217 6.40 -12.71 -40.22
C THR D 217 6.60 -14.06 -40.89
N TYR D 218 6.47 -14.08 -42.22
CA TYR D 218 6.77 -15.25 -43.02
C TYR D 218 8.21 -15.25 -43.51
N TYR D 219 8.62 -14.16 -44.17
CA TYR D 219 9.97 -14.04 -44.69
C TYR D 219 10.39 -12.57 -44.64
N THR D 220 11.69 -12.34 -44.73
CA THR D 220 12.26 -11.01 -44.73
C THR D 220 13.24 -10.88 -45.88
N VAL D 221 13.18 -9.77 -46.59
CA VAL D 221 14.13 -9.44 -47.65
C VAL D 221 15.15 -8.48 -47.06
N SER D 222 16.43 -8.89 -47.06
CA SER D 222 17.51 -8.10 -46.52
C SER D 222 18.46 -7.68 -47.62
N VAL D 223 19.13 -6.55 -47.41
CA VAL D 223 20.03 -5.95 -48.38
C VAL D 223 21.44 -6.45 -48.16
N ASP D 224 22.14 -6.76 -49.24
CA ASP D 224 23.57 -7.09 -49.19
C ASP D 224 24.36 -5.79 -49.06
N ALA D 225 25.01 -5.61 -47.93
CA ALA D 225 25.76 -4.37 -47.66
C ALA D 225 26.77 -4.12 -48.76
N PRO D 226 26.71 -3.00 -49.49
CA PRO D 226 27.67 -2.76 -50.56
C PRO D 226 29.11 -2.70 -50.05
N ASP D 227 30.04 -2.77 -51.00
CA ASP D 227 31.45 -2.63 -50.66
C ASP D 227 31.73 -1.30 -49.99
N SER D 228 31.24 -0.22 -50.56
CA SER D 228 31.52 1.13 -50.09
C SER D 228 30.26 1.98 -50.15
N PRO D 229 30.18 3.02 -49.32
CA PRO D 229 29.03 3.93 -49.40
C PRO D 229 28.76 4.49 -50.79
N ALA D 230 29.78 4.66 -51.63
CA ALA D 230 29.51 5.08 -53.01
C ALA D 230 28.66 4.05 -53.72
N ASP D 231 28.99 2.77 -53.57
CA ASP D 231 28.14 1.69 -54.05
C ASP D 231 26.77 1.84 -53.39
N PHE D 232 25.85 2.45 -54.14
CA PHE D 232 24.58 2.97 -53.64
C PHE D 232 24.13 4.01 -54.64
N PHE D 233 25.09 4.78 -55.14
CA PHE D 233 24.86 5.87 -56.08
C PHE D 233 25.54 5.57 -57.40
N ALA D 234 25.00 6.19 -58.45
CA ALA D 234 25.61 6.07 -59.77
C ALA D 234 27.02 6.65 -59.75
N PRO D 235 27.86 6.27 -60.71
CA PRO D 235 29.20 6.88 -60.78
C PRO D 235 29.10 8.38 -61.02
N CYS D 236 30.18 9.08 -60.66
CA CYS D 236 30.26 10.53 -60.81
C CYS D 236 29.22 11.25 -59.95
N THR D 237 28.85 10.64 -58.81
CA THR D 237 28.04 11.32 -57.81
C THR D 237 28.98 11.97 -56.81
N THR D 238 28.85 13.28 -56.65
CA THR D 238 29.81 14.04 -55.87
C THR D 238 29.25 14.35 -54.48
N PRO D 239 30.12 14.58 -53.49
CA PRO D 239 29.62 15.03 -52.18
C PRO D 239 28.66 16.20 -52.28
N ASP D 240 28.98 17.20 -53.10
CA ASP D 240 28.10 18.36 -53.24
C ASP D 240 26.72 17.97 -53.71
N SER D 241 26.61 16.91 -54.52
CA SER D 241 25.30 16.45 -54.97
C SER D 241 24.44 16.00 -53.80
N LEU D 242 25.06 15.42 -52.77
CA LEU D 242 24.35 15.11 -51.53
C LEU D 242 24.23 16.33 -50.64
N LYS D 243 25.24 17.22 -50.65
CA LYS D 243 25.14 18.51 -49.96
C LYS D 243 24.35 19.49 -50.84
N ASN D 244 23.07 19.15 -51.00
CA ASN D 244 22.18 19.92 -51.86
C ASN D 244 20.80 19.29 -51.85
N ARG D 245 20.74 17.99 -51.53
CA ARG D 245 19.49 17.30 -51.23
C ARG D 245 19.31 17.08 -49.74
N GLY D 246 20.02 17.83 -48.90
CA GLY D 246 19.84 17.80 -47.48
C GLY D 246 20.65 16.75 -46.74
N VAL D 247 21.33 15.85 -47.46
CA VAL D 247 22.12 14.81 -46.81
C VAL D 247 23.38 15.45 -46.24
N ASP D 248 23.56 15.36 -44.93
CA ASP D 248 24.66 16.06 -44.27
C ASP D 248 24.86 15.57 -42.84
N ASN D 249 25.50 16.41 -42.01
CA ASN D 249 25.66 16.09 -40.60
C ASN D 249 24.34 16.17 -39.86
N LYS D 250 23.56 17.21 -40.13
CA LYS D 250 22.29 17.39 -39.44
C LYS D 250 21.29 16.30 -39.81
N ARG D 251 21.37 15.79 -41.04
CA ARG D 251 20.44 14.77 -41.54
C ARG D 251 21.26 13.71 -42.26
N PRO D 252 21.94 12.83 -41.53
CA PRO D 252 22.77 11.81 -42.17
C PRO D 252 21.92 10.76 -42.87
N PRO D 253 22.50 9.98 -43.78
CA PRO D 253 21.68 9.04 -44.56
C PRO D 253 21.64 7.64 -43.99
N VAL D 254 20.51 6.95 -44.19
CA VAL D 254 20.32 5.56 -43.81
C VAL D 254 19.72 4.82 -44.99
N TYR D 255 19.82 3.50 -44.95
CA TYR D 255 19.15 2.66 -45.94
C TYR D 255 18.38 1.56 -45.25
N VAL D 256 17.30 1.11 -45.89
CA VAL D 256 16.47 0.05 -45.36
C VAL D 256 17.27 -1.25 -45.41
N SER D 257 17.67 -1.75 -44.24
CA SER D 257 18.50 -2.96 -44.20
C SER D 257 17.69 -4.17 -44.62
N ASN D 258 16.47 -4.33 -44.08
CA ASN D 258 15.60 -5.42 -44.47
C ASN D 258 14.15 -5.01 -44.25
N VAL D 259 13.24 -5.88 -44.69
CA VAL D 259 11.80 -5.63 -44.62
C VAL D 259 11.12 -6.95 -44.33
N ALA D 260 10.29 -6.97 -43.29
CA ALA D 260 9.54 -8.16 -42.90
C ALA D 260 8.24 -8.23 -43.67
N TYR D 261 7.90 -9.43 -44.13
CA TYR D 261 6.69 -9.66 -44.91
C TYR D 261 5.76 -10.58 -44.15
N GLY D 262 4.49 -10.20 -44.07
CA GLY D 262 3.49 -11.01 -43.40
C GLY D 262 2.18 -10.30 -43.16
N ARG D 263 1.69 -10.37 -41.93
CA ARG D 263 0.42 -9.76 -41.56
C ARG D 263 0.58 -9.08 -40.21
N SER D 264 0.00 -7.88 -40.08
CA SER D 264 0.10 -7.11 -38.86
C SER D 264 -1.27 -6.49 -38.56
N MET D 265 -1.49 -6.22 -37.27
CA MET D 265 -2.76 -5.65 -36.84
C MET D 265 -2.59 -5.01 -35.48
N TYR D 266 -3.50 -4.07 -35.18
CA TYR D 266 -3.64 -3.51 -33.85
C TYR D 266 -4.93 -4.03 -33.23
N VAL D 267 -4.86 -4.41 -31.96
CA VAL D 267 -6.02 -4.97 -31.26
C VAL D 267 -6.23 -4.17 -29.98
N LYS D 268 -7.48 -3.79 -29.74
CA LYS D 268 -7.88 -3.10 -28.52
C LYS D 268 -8.67 -4.06 -27.66
N PHE D 269 -8.12 -4.44 -26.52
CA PHE D 269 -8.83 -5.18 -25.49
C PHE D 269 -9.33 -4.20 -24.44
N ASP D 270 -10.61 -4.28 -24.09
CA ASP D 270 -11.12 -3.43 -23.03
C ASP D 270 -12.31 -4.10 -22.36
N THR D 271 -12.54 -3.70 -21.11
CA THR D 271 -13.62 -4.23 -20.31
C THR D 271 -14.08 -3.15 -19.34
N THR D 272 -15.28 -3.31 -18.81
CA THR D 272 -15.76 -2.44 -17.74
C THR D 272 -15.51 -3.03 -16.37
N SER D 273 -14.88 -4.20 -16.30
CA SER D 273 -14.54 -4.80 -15.01
C SER D 273 -13.48 -3.97 -14.31
N LYS D 274 -13.49 -4.04 -12.98
CA LYS D 274 -12.49 -3.39 -12.14
C LYS D 274 -11.42 -4.37 -11.67
N SER D 275 -11.47 -5.62 -12.12
CA SER D 275 -10.50 -6.62 -11.68
C SER D 275 -9.09 -6.16 -11.99
N THR D 276 -8.17 -6.50 -11.09
CA THR D 276 -6.77 -6.17 -11.28
C THR D 276 -6.01 -7.24 -12.06
N ASP D 277 -6.65 -8.36 -12.36
CA ASP D 277 -6.05 -9.44 -13.14
C ASP D 277 -6.30 -9.29 -14.64
N PHE D 278 -6.78 -8.13 -15.08
CA PHE D 278 -7.18 -7.96 -16.47
C PHE D 278 -5.99 -8.09 -17.41
N GLN D 279 -4.93 -7.28 -17.18
CA GLN D 279 -3.76 -7.36 -18.03
C GLN D 279 -3.22 -8.78 -18.12
N ALA D 280 -3.07 -9.43 -16.96
CA ALA D 280 -2.52 -10.78 -16.94
C ALA D 280 -3.42 -11.76 -17.70
N ALA D 281 -4.74 -11.53 -17.68
CA ALA D 281 -5.65 -12.41 -18.40
C ALA D 281 -5.55 -12.18 -19.91
N VAL D 282 -5.52 -10.92 -20.33
CA VAL D 282 -5.35 -10.61 -21.76
C VAL D 282 -4.10 -11.30 -22.29
N GLU D 283 -2.95 -11.08 -21.63
CA GLU D 283 -1.71 -11.66 -22.11
C GLU D 283 -1.74 -13.17 -22.08
N ALA D 284 -2.45 -13.76 -21.13
CA ALA D 284 -2.58 -15.22 -21.10
C ALA D 284 -3.41 -15.73 -22.27
N ALA D 285 -4.35 -14.92 -22.75
CA ALA D 285 -5.14 -15.30 -23.92
C ALA D 285 -4.30 -15.24 -25.19
N ILE D 286 -3.46 -14.22 -25.31
CA ILE D 286 -2.57 -14.12 -26.47
C ILE D 286 -1.75 -15.40 -26.61
N LYS D 287 -1.22 -15.89 -25.50
CA LYS D 287 -0.28 -16.99 -25.49
C LYS D 287 -0.94 -18.35 -25.66
N GLY D 288 -2.26 -18.41 -25.77
CA GLY D 288 -2.93 -19.70 -25.86
C GLY D 288 -2.65 -20.57 -24.66
N VAL D 289 -3.40 -20.36 -23.58
CA VAL D 289 -3.22 -21.06 -22.32
C VAL D 289 -4.55 -21.73 -21.94
N GLU D 290 -4.53 -22.52 -20.87
CA GLU D 290 -5.74 -23.11 -20.28
C GLU D 290 -6.91 -22.15 -20.14
N ILE D 291 -6.78 -21.15 -19.26
CA ILE D 291 -7.90 -20.33 -18.77
C ILE D 291 -9.15 -21.19 -18.67
N LYS D 292 -9.33 -21.79 -17.52
CA LYS D 292 -10.17 -22.98 -17.29
C LYS D 292 -11.59 -22.58 -16.92
N PRO D 293 -12.59 -23.37 -17.36
CA PRO D 293 -14.00 -23.07 -17.08
C PRO D 293 -14.33 -22.07 -15.98
N ASN D 294 -14.07 -22.37 -14.71
CA ASN D 294 -14.64 -21.60 -13.61
C ASN D 294 -13.61 -20.75 -12.87
N THR D 295 -12.41 -20.58 -13.40
CA THR D 295 -11.45 -19.68 -12.76
C THR D 295 -11.84 -18.23 -13.03
N GLU D 296 -11.11 -17.32 -12.39
CA GLU D 296 -11.41 -15.91 -12.53
C GLU D 296 -10.97 -15.35 -13.88
N PHE D 297 -9.92 -15.91 -14.48
CA PHE D 297 -9.50 -15.48 -15.80
C PHE D 297 -10.59 -15.74 -16.84
N HIS D 298 -11.27 -16.88 -16.72
CA HIS D 298 -12.40 -17.16 -17.60
C HIS D 298 -13.44 -16.04 -17.54
N ARG D 299 -13.84 -15.66 -16.34
CA ARG D 299 -14.93 -14.69 -16.18
C ARG D 299 -14.52 -13.31 -16.68
N ILE D 300 -13.23 -12.98 -16.64
CA ILE D 300 -12.79 -11.69 -17.17
C ILE D 300 -12.80 -11.72 -18.69
N LEU D 301 -12.22 -12.75 -19.29
CA LEU D 301 -12.14 -12.83 -20.75
C LEU D 301 -13.52 -12.96 -21.37
N GLN D 302 -14.49 -13.52 -20.63
CA GLN D 302 -15.86 -13.63 -21.13
C GLN D 302 -16.56 -12.30 -21.24
N ASN D 303 -15.99 -11.21 -20.71
CA ASN D 303 -16.59 -9.90 -20.82
C ASN D 303 -15.61 -8.88 -21.40
N THR D 304 -14.58 -9.34 -22.11
CA THR D 304 -13.59 -8.45 -22.72
C THR D 304 -13.99 -8.15 -24.16
N SER D 305 -14.21 -6.87 -24.45
CA SER D 305 -14.43 -6.45 -25.82
C SER D 305 -13.12 -6.51 -26.60
N VAL D 306 -13.18 -7.02 -27.82
CA VAL D 306 -12.02 -7.12 -28.70
C VAL D 306 -12.29 -6.29 -29.95
N CYS D 307 -11.25 -5.65 -30.47
CA CYS D 307 -11.41 -4.63 -31.51
C CYS D 307 -10.12 -4.60 -32.32
N ALA D 308 -10.16 -5.22 -33.50
CA ALA D 308 -8.97 -5.40 -34.33
C ALA D 308 -9.08 -4.59 -35.61
N VAL D 309 -7.98 -3.95 -35.99
CA VAL D 309 -7.82 -3.30 -37.29
C VAL D 309 -6.54 -3.83 -37.89
N ILE D 310 -6.63 -4.35 -39.11
CA ILE D 310 -5.52 -5.06 -39.74
C ILE D 310 -4.90 -4.17 -40.79
N LEU D 311 -3.57 -4.24 -40.89
CA LEU D 311 -2.80 -3.27 -41.67
C LEU D 311 -1.88 -3.95 -42.69
N GLY D 312 -0.69 -3.38 -42.87
CA GLY D 312 0.27 -3.89 -43.82
C GLY D 312 0.57 -2.83 -44.86
N GLY D 313 1.03 -3.25 -46.02
CA GLY D 313 1.25 -2.33 -47.12
C GLY D 313 -0.05 -1.96 -47.81
N SER D 314 -0.55 -2.89 -48.63
CA SER D 314 -1.77 -2.73 -49.43
C SER D 314 -2.44 -1.38 -49.26
N ALA D 315 -2.95 -1.11 -48.06
CA ALA D 315 -3.64 0.14 -47.73
C ALA D 315 -4.42 -0.01 -46.44
N ASN D 316 -3.87 -0.75 -45.48
CA ASN D 316 -4.55 -1.01 -44.22
C ASN D 316 -5.92 -1.63 -44.49
N GLY D 317 -6.99 -0.88 -44.27
CA GLY D 317 -8.33 -1.38 -44.50
C GLY D 317 -9.27 -1.13 -43.35
N ALA D 318 -8.71 -0.79 -42.19
CA ALA D 318 -9.51 -0.49 -40.99
C ALA D 318 -10.33 -1.74 -40.66
N ALA D 319 -11.54 -1.54 -40.13
CA ALA D 319 -12.45 -2.63 -39.86
C ALA D 319 -13.87 -2.23 -40.27
N LYS D 320 -14.74 -2.00 -39.28
CA LYS D 320 -16.12 -1.57 -39.52
C LYS D 320 -16.65 -0.93 -38.25
N VAL D 321 -17.43 -1.68 -37.50
CA VAL D 321 -17.76 -1.39 -36.10
C VAL D 321 -17.00 -2.41 -35.27
N CYS D 322 -16.28 -1.94 -34.27
CA CYS D 322 -15.43 -2.84 -33.51
C CYS D 322 -16.28 -3.73 -32.61
N THR D 323 -16.72 -4.86 -33.15
CA THR D 323 -17.47 -5.88 -32.42
C THR D 323 -16.70 -7.19 -32.50
N GLY D 324 -16.21 -7.66 -31.35
CA GLY D 324 -15.48 -8.91 -31.30
C GLY D 324 -15.22 -9.30 -29.87
N ASN D 325 -14.71 -10.51 -29.70
CA ASN D 325 -14.42 -11.05 -28.39
C ASN D 325 -13.09 -11.79 -28.46
N ILE D 326 -12.72 -12.45 -27.37
CA ILE D 326 -11.48 -13.21 -27.33
C ILE D 326 -11.45 -14.26 -28.42
N ASP D 327 -12.61 -14.65 -28.93
CA ASP D 327 -12.68 -15.66 -29.98
C ASP D 327 -12.33 -15.07 -31.35
N THR D 328 -12.86 -13.89 -31.67
CA THR D 328 -12.44 -13.19 -32.87
C THR D 328 -10.92 -13.14 -32.96
N LEU D 329 -10.27 -12.82 -31.84
CA LEU D 329 -8.82 -12.77 -31.80
C LEU D 329 -8.22 -14.11 -32.25
N LYS D 330 -8.60 -15.20 -31.59
CA LYS D 330 -7.99 -16.50 -31.88
C LYS D 330 -8.16 -16.89 -33.35
N ALA D 331 -9.27 -16.50 -33.98
CA ALA D 331 -9.46 -16.82 -35.39
C ALA D 331 -8.49 -16.05 -36.26
N LEU D 332 -8.37 -14.73 -36.03
CA LEU D 332 -7.47 -13.92 -36.83
C LEU D 332 -6.03 -14.40 -36.70
N ILE D 333 -5.60 -14.68 -35.47
CA ILE D 333 -4.26 -15.27 -35.26
C ILE D 333 -4.09 -16.47 -36.18
N GLN D 334 -4.94 -17.48 -35.99
CA GLN D 334 -4.88 -18.67 -36.85
C GLN D 334 -5.07 -18.32 -38.31
N GLU D 335 -5.81 -17.24 -38.60
CA GLU D 335 -6.04 -16.83 -39.99
C GLU D 335 -4.85 -16.07 -40.57
N GLY D 336 -4.00 -15.50 -39.72
CA GLY D 336 -2.83 -14.78 -40.18
C GLY D 336 -1.56 -15.57 -39.92
N ALA D 337 -1.47 -16.21 -38.75
CA ALA D 337 -0.45 -17.21 -38.54
C ALA D 337 -0.44 -18.17 -39.72
N ASN D 338 0.73 -18.74 -40.01
CA ASN D 338 0.82 -19.68 -41.12
C ASN D 338 0.47 -18.95 -42.42
N LEU D 339 0.72 -19.56 -43.57
CA LEU D 339 0.56 -18.85 -44.83
C LEU D 339 -0.91 -18.50 -45.09
N SER D 340 -1.12 -17.39 -45.77
CA SER D 340 -2.43 -16.97 -46.22
C SER D 340 -2.64 -17.43 -47.66
N THR D 341 -3.60 -16.83 -48.37
CA THR D 341 -3.94 -17.23 -49.73
C THR D 341 -2.78 -17.04 -50.70
N SER D 342 -1.59 -17.56 -50.36
CA SER D 342 -0.38 -17.31 -51.12
C SER D 342 -0.01 -15.83 -51.13
N SER D 343 -0.79 -15.00 -50.42
CA SER D 343 -0.54 -13.58 -50.41
C SER D 343 0.76 -13.27 -49.69
N PRO D 344 1.37 -12.11 -49.96
CA PRO D 344 2.67 -11.75 -49.36
C PRO D 344 2.82 -11.98 -47.84
N ALA D 345 1.87 -11.63 -46.96
CA ALA D 345 0.60 -11.00 -47.31
C ALA D 345 0.74 -9.48 -47.40
N VAL D 346 1.87 -8.95 -46.93
CA VAL D 346 2.31 -7.58 -47.22
C VAL D 346 3.59 -7.27 -46.46
N PRO D 347 4.25 -6.15 -46.74
CA PRO D 347 5.33 -5.68 -45.86
C PRO D 347 4.76 -5.15 -44.55
N ILE D 348 5.31 -5.65 -43.43
CA ILE D 348 4.82 -5.28 -42.11
C ILE D 348 5.83 -4.47 -41.32
N ALA D 349 7.14 -4.68 -41.52
CA ALA D 349 8.14 -3.97 -40.75
C ALA D 349 9.37 -3.72 -41.61
N TYR D 350 10.14 -2.71 -41.23
CA TYR D 350 11.39 -2.40 -41.93
C TYR D 350 12.43 -1.93 -40.92
N THR D 351 13.68 -2.27 -41.19
CA THR D 351 14.82 -1.89 -40.37
C THR D 351 15.79 -1.06 -41.21
N THR D 352 16.33 -0.01 -40.61
CA THR D 352 17.28 0.86 -41.29
C THR D 352 18.66 0.73 -40.67
N SER D 353 19.67 1.09 -41.46
CA SER D 353 21.05 1.07 -41.04
C SER D 353 21.76 2.29 -41.61
N PHE D 354 22.77 2.77 -40.88
CA PHE D 354 23.50 3.95 -41.31
C PHE D 354 24.43 3.61 -42.46
N VAL D 355 24.52 4.53 -43.42
CA VAL D 355 25.37 4.30 -44.60
C VAL D 355 26.83 4.16 -44.19
N LYS D 356 27.25 4.90 -43.16
CA LYS D 356 28.65 4.92 -42.76
C LYS D 356 29.17 3.51 -42.47
N ASP D 357 28.66 2.90 -41.40
CA ASP D 357 29.17 1.65 -40.89
C ASP D 357 28.21 0.47 -41.08
N ASN D 358 27.04 0.69 -41.68
CA ASN D 358 26.06 -0.36 -41.90
C ASN D 358 25.52 -0.93 -40.59
N GLU D 359 25.56 -0.16 -39.51
CA GLU D 359 24.99 -0.59 -38.25
C GLU D 359 23.52 -0.21 -38.17
N VAL D 360 22.75 -1.06 -37.49
CA VAL D 360 21.31 -0.85 -37.38
C VAL D 360 21.05 0.39 -36.54
N ALA D 361 20.31 1.34 -37.10
CA ALA D 361 19.88 2.51 -36.35
C ALA D 361 18.73 2.14 -35.41
N THR D 362 18.65 2.88 -34.31
CA THR D 362 17.62 2.65 -33.30
C THR D 362 16.93 3.96 -32.97
N LEU D 363 15.60 3.92 -32.88
CA LEU D 363 14.80 5.07 -32.45
C LEU D 363 14.50 4.95 -30.97
N GLN D 364 14.66 6.06 -30.25
CA GLN D 364 14.44 6.10 -28.82
C GLN D 364 13.30 7.06 -28.51
N SER D 365 12.34 6.59 -27.71
CA SER D 365 11.21 7.39 -27.28
C SER D 365 11.24 7.52 -25.76
N ASN D 366 10.90 8.70 -25.27
CA ASN D 366 10.92 8.99 -23.83
C ASN D 366 9.76 9.91 -23.51
N SER D 367 8.85 9.46 -22.65
CA SER D 367 7.68 10.25 -22.31
C SER D 367 7.23 9.96 -20.89
N ASP D 368 6.92 11.02 -20.15
CA ASP D 368 6.24 10.91 -18.87
C ASP D 368 4.73 10.91 -19.09
N TYR D 369 4.01 10.21 -18.22
CA TYR D 369 2.56 10.17 -18.31
C TYR D 369 1.98 9.85 -16.95
N ILE D 370 0.68 10.11 -16.82
CA ILE D 370 -0.08 9.81 -15.61
C ILE D 370 -0.87 8.53 -15.85
N GLU D 371 -0.53 7.48 -15.10
CA GLU D 371 -1.25 6.23 -15.17
C GLU D 371 -2.50 6.27 -14.30
N THR D 372 -3.50 5.49 -14.68
CA THR D 372 -4.71 5.30 -13.89
C THR D 372 -4.86 3.83 -13.56
N LYS D 373 -5.12 3.53 -12.29
CA LYS D 373 -5.39 2.17 -11.83
C LYS D 373 -6.73 2.15 -11.11
N VAL D 374 -7.38 0.99 -11.13
CA VAL D 374 -8.74 0.86 -10.62
C VAL D 374 -8.84 -0.41 -9.78
N SER D 375 -9.73 -0.37 -8.79
CA SER D 375 -9.96 -1.51 -7.90
C SER D 375 -11.30 -1.31 -7.23
N SER D 376 -11.86 -2.42 -6.75
CA SER D 376 -13.19 -2.38 -6.14
C SER D 376 -13.39 -3.64 -5.32
N TYR D 377 -14.14 -3.50 -4.23
CA TYR D 377 -14.59 -4.66 -3.47
C TYR D 377 -16.06 -4.51 -3.13
N ARG D 378 -16.69 -5.65 -2.84
CA ARG D 378 -18.13 -5.73 -2.63
C ARG D 378 -18.40 -6.02 -1.16
N ASN D 379 -19.11 -5.11 -0.50
CA ASN D 379 -19.45 -5.30 0.90
C ASN D 379 -20.28 -6.57 1.08
N GLY D 380 -20.09 -7.22 2.24
CA GLY D 380 -20.84 -8.40 2.58
C GLY D 380 -21.68 -8.20 3.83
N TYR D 381 -22.70 -9.02 4.01
CA TYR D 381 -23.61 -8.91 5.13
C TYR D 381 -23.76 -10.26 5.80
N LEU D 382 -23.85 -10.24 7.13
CA LEU D 382 -24.07 -11.44 7.93
C LEU D 382 -25.28 -11.20 8.83
N THR D 383 -26.29 -12.05 8.69
CA THR D 383 -27.50 -11.95 9.50
C THR D 383 -27.57 -13.16 10.42
N LEU D 384 -27.83 -12.89 11.71
CA LEU D 384 -27.89 -13.93 12.74
C LEU D 384 -29.31 -13.94 13.30
N ASP D 385 -30.06 -15.00 13.01
CA ASP D 385 -31.42 -15.17 13.51
C ASP D 385 -31.43 -16.28 14.54
N HIS D 386 -31.68 -15.92 15.79
CA HIS D 386 -31.68 -16.86 16.89
C HIS D 386 -33.11 -17.14 17.32
N ARG D 387 -33.82 -17.92 16.49
CA ARG D 387 -35.17 -18.36 16.83
C ARG D 387 -35.13 -19.79 17.35
N GLY D 388 -34.65 -19.89 18.59
CA GLY D 388 -34.59 -21.15 19.31
C GLY D 388 -34.63 -20.86 20.79
N ALA D 389 -34.78 -21.93 21.57
CA ALA D 389 -34.84 -21.80 23.03
C ALA D 389 -33.51 -21.26 23.56
N TYR D 390 -33.22 -21.55 24.83
CA TYR D 390 -31.91 -21.33 25.45
C TYR D 390 -31.34 -19.93 25.23
N VAL D 391 -30.19 -19.68 25.85
CA VAL D 391 -29.47 -18.43 25.77
C VAL D 391 -28.32 -18.61 24.79
N ALA D 392 -28.34 -17.86 23.69
CA ALA D 392 -27.30 -17.97 22.68
C ALA D 392 -26.14 -17.03 23.01
N ARG D 393 -25.07 -17.16 22.23
CA ARG D 393 -23.82 -16.49 22.52
C ARG D 393 -22.90 -16.58 21.30
N TYR D 394 -22.46 -15.45 20.77
CA TYR D 394 -21.67 -15.41 19.55
C TYR D 394 -20.25 -14.95 19.84
N TYR D 395 -19.31 -15.47 19.03
CA TYR D 395 -17.91 -15.06 19.07
C TYR D 395 -17.42 -14.96 17.63
N ILE D 396 -17.38 -13.73 17.10
CA ILE D 396 -17.03 -13.49 15.72
C ILE D 396 -15.76 -12.66 15.66
N TYR D 397 -14.82 -13.06 14.81
CA TYR D 397 -13.56 -12.34 14.62
C TYR D 397 -13.24 -12.28 13.14
N TRP D 398 -12.28 -11.41 12.80
CA TRP D 398 -11.81 -11.28 11.43
C TRP D 398 -10.56 -10.40 11.44
N ASP D 399 -9.74 -10.57 10.41
CA ASP D 399 -8.49 -9.84 10.27
C ASP D 399 -8.61 -8.76 9.20
N GLU D 400 -7.94 -7.64 9.43
CA GLU D 400 -7.84 -6.56 8.46
C GLU D 400 -6.40 -6.48 7.98
N TYR D 401 -6.14 -7.06 6.80
CA TYR D 401 -4.84 -6.84 6.16
C TYR D 401 -4.74 -5.40 5.71
N GLY D 402 -3.62 -4.76 6.05
CA GLY D 402 -3.45 -3.34 5.75
C GLY D 402 -2.05 -3.05 5.28
N THR D 403 -1.91 -1.85 4.72
CA THR D 403 -0.61 -1.36 4.28
C THR D 403 -0.57 0.14 4.51
N GLU D 404 0.42 0.61 5.27
CA GLU D 404 0.61 2.03 5.45
C GLU D 404 1.04 2.65 4.13
N ILE D 405 1.06 3.99 4.10
CA ILE D 405 1.91 4.66 3.12
C ILE D 405 3.32 4.20 3.39
N ASP D 406 4.11 4.00 2.31
CA ASP D 406 5.45 3.43 2.38
C ASP D 406 5.39 1.97 1.93
N GLY D 407 4.20 1.36 2.01
CA GLY D 407 4.02 -0.02 1.62
C GLY D 407 4.28 -1.03 2.72
N THR D 408 4.52 -0.58 3.95
CA THR D 408 4.78 -1.50 5.04
C THR D 408 3.50 -2.23 5.42
N PRO D 409 3.52 -3.56 5.58
CA PRO D 409 2.30 -4.29 5.92
C PRO D 409 2.01 -4.32 7.41
N TYR D 410 0.71 -4.45 7.72
CA TYR D 410 0.27 -4.65 9.09
C TYR D 410 -1.02 -5.46 9.08
N VAL D 411 -1.30 -6.08 10.21
CA VAL D 411 -2.52 -6.86 10.41
C VAL D 411 -3.16 -6.41 11.71
N ARG D 412 -4.41 -5.97 11.65
CA ARG D 412 -5.18 -5.60 12.83
C ARG D 412 -6.42 -6.48 12.90
N SER D 413 -6.47 -7.35 13.90
CA SER D 413 -7.61 -8.25 14.08
C SER D 413 -8.75 -7.51 14.78
N ARG D 414 -9.97 -8.00 14.56
CA ARG D 414 -11.17 -7.37 15.09
C ARG D 414 -12.03 -8.39 15.81
N ALA D 415 -13.00 -7.86 16.56
CA ALA D 415 -13.97 -8.68 17.28
C ALA D 415 -15.33 -8.00 17.25
N TRP D 416 -16.37 -8.80 17.04
CA TRP D 416 -17.74 -8.30 16.98
C TRP D 416 -18.10 -7.58 18.27
N GLU D 417 -18.66 -6.37 18.13
CA GLU D 417 -19.13 -5.60 19.28
C GLU D 417 -19.89 -6.47 20.27
N GLY D 418 -20.81 -7.29 19.75
CA GLY D 418 -21.63 -8.16 20.57
C GLY D 418 -21.05 -9.55 20.71
N ASN D 419 -19.77 -9.65 21.02
CA ASN D 419 -19.12 -10.93 21.22
C ASN D 419 -19.42 -11.43 22.63
N GLY D 420 -20.06 -12.59 22.73
CA GLY D 420 -20.31 -13.21 24.01
C GLY D 420 -21.43 -12.61 24.83
N LYS D 421 -22.24 -11.72 24.24
CA LYS D 421 -23.38 -11.18 24.95
C LYS D 421 -24.43 -12.25 25.17
N TYR D 422 -24.96 -12.30 26.38
CA TYR D 422 -26.05 -13.22 26.71
C TYR D 422 -27.29 -12.81 25.92
N ARG D 423 -27.51 -13.48 24.78
CA ARG D 423 -28.73 -13.26 24.02
C ARG D 423 -29.90 -13.92 24.75
N THR D 424 -31.09 -13.83 24.16
CA THR D 424 -32.26 -14.44 24.79
C THR D 424 -33.23 -14.99 23.76
N ALA D 425 -34.46 -14.48 23.72
CA ALA D 425 -35.51 -15.03 22.88
C ALA D 425 -35.19 -14.81 21.41
N HIS D 426 -36.19 -14.48 20.61
CA HIS D 426 -35.97 -14.18 19.19
C HIS D 426 -34.98 -13.03 19.06
N PHE D 427 -33.73 -13.35 18.75
CA PHE D 427 -32.70 -12.35 18.52
C PHE D 427 -32.35 -12.34 17.04
N ASN D 428 -32.37 -11.15 16.44
CA ASN D 428 -32.01 -10.97 15.04
C ASN D 428 -31.15 -9.73 14.90
N THR D 429 -30.15 -9.81 14.03
CA THR D 429 -29.30 -8.66 13.76
C THR D 429 -28.55 -8.93 12.45
N THR D 430 -28.08 -7.85 11.85
CA THR D 430 -27.32 -7.91 10.61
C THR D 430 -26.02 -7.14 10.77
N ILE D 431 -24.91 -7.74 10.32
CA ILE D 431 -23.58 -7.17 10.45
C ILE D 431 -23.08 -6.79 9.07
N GLN D 432 -22.39 -5.66 8.99
CA GLN D 432 -21.86 -5.14 7.73
C GLN D 432 -20.34 -5.24 7.76
N PHE D 433 -19.77 -5.90 6.74
CA PHE D 433 -18.34 -6.10 6.64
C PHE D 433 -17.80 -5.32 5.45
N LYS D 434 -16.67 -4.63 5.65
CA LYS D 434 -15.90 -4.13 4.53
C LYS D 434 -15.58 -5.27 3.58
N GLY D 435 -15.42 -4.94 2.30
CA GLY D 435 -15.15 -5.97 1.30
C GLY D 435 -13.78 -6.61 1.44
N ASN D 436 -12.82 -5.92 2.05
CA ASN D 436 -11.45 -6.42 2.16
C ASN D 436 -11.19 -7.16 3.47
N VAL D 437 -12.23 -7.50 4.23
CA VAL D 437 -12.07 -8.31 5.43
C VAL D 437 -11.56 -9.69 5.04
N ARG D 438 -10.82 -10.33 5.96
CA ARG D 438 -10.24 -11.63 5.69
C ARG D 438 -10.26 -12.50 6.94
N ASN D 439 -10.36 -13.81 6.70
CA ASN D 439 -10.25 -14.81 7.77
C ASN D 439 -11.41 -14.70 8.76
N LEU D 440 -12.62 -14.58 8.22
CA LEU D 440 -13.81 -14.44 9.05
C LEU D 440 -14.00 -15.70 9.90
N ARG D 441 -14.58 -15.50 11.09
CA ARG D 441 -14.61 -16.53 12.11
C ARG D 441 -15.92 -16.38 12.90
N ILE D 442 -16.67 -17.47 13.03
CA ILE D 442 -17.97 -17.44 13.70
C ILE D 442 -18.11 -18.69 14.55
N LYS D 443 -18.39 -18.50 15.84
CA LYS D 443 -18.67 -19.60 16.76
C LYS D 443 -19.96 -19.29 17.50
N LEU D 444 -20.83 -20.28 17.62
CA LEU D 444 -22.11 -20.14 18.31
C LEU D 444 -22.20 -21.19 19.41
N VAL D 445 -22.53 -20.74 20.62
CA VAL D 445 -22.70 -21.63 21.77
C VAL D 445 -24.10 -21.41 22.34
N GLU D 446 -24.45 -22.26 23.31
CA GLU D 446 -25.84 -22.36 23.77
C GLU D 446 -25.86 -22.80 25.22
N LYS D 447 -26.47 -21.99 26.09
CA LYS D 447 -26.47 -22.28 27.52
C LYS D 447 -27.43 -23.41 27.82
N THR D 448 -26.91 -24.51 28.34
CA THR D 448 -27.71 -25.65 28.79
C THR D 448 -27.48 -25.80 30.29
N GLY D 449 -28.41 -25.28 31.09
CA GLY D 449 -28.34 -25.40 32.53
C GLY D 449 -27.96 -26.80 32.97
N LEU D 450 -26.66 -27.04 33.11
CA LEU D 450 -26.10 -28.38 33.30
C LEU D 450 -24.62 -28.27 33.60
N VAL D 451 -24.11 -29.06 34.53
CA VAL D 451 -22.65 -29.27 34.59
C VAL D 451 -22.36 -30.17 33.39
N TRP D 452 -21.08 -30.46 33.15
CA TRP D 452 -20.68 -31.17 31.94
C TRP D 452 -21.26 -30.48 30.71
N GLU D 453 -20.40 -29.87 29.89
CA GLU D 453 -20.82 -29.18 28.69
C GLU D 453 -21.90 -28.14 29.01
N PRO D 454 -21.63 -27.20 29.93
CA PRO D 454 -22.63 -26.17 30.26
C PRO D 454 -22.85 -25.16 29.14
N TRP D 455 -22.22 -25.33 27.98
CA TRP D 455 -22.35 -24.35 26.90
C TRP D 455 -22.50 -24.95 25.51
N ARG D 456 -21.89 -26.08 25.20
CA ARG D 456 -22.26 -26.86 24.01
C ARG D 456 -22.19 -26.07 22.72
N THR D 457 -21.30 -26.47 21.82
CA THR D 457 -21.14 -25.79 20.55
C THR D 457 -22.16 -26.30 19.54
N VAL D 458 -22.68 -25.38 18.72
CA VAL D 458 -23.69 -25.70 17.72
C VAL D 458 -23.17 -25.33 16.34
N TYR D 459 -22.33 -24.30 16.27
CA TYR D 459 -21.76 -23.85 15.01
C TYR D 459 -20.37 -23.30 15.26
N ASP D 460 -19.37 -23.85 14.58
CA ASP D 460 -17.98 -23.44 14.78
C ASP D 460 -17.25 -23.61 13.45
N ARG D 461 -17.25 -22.55 12.65
CA ARG D 461 -16.58 -22.54 11.36
C ARG D 461 -15.61 -21.37 11.28
N SER D 462 -14.57 -21.55 10.47
CA SER D 462 -13.52 -20.55 10.31
C SER D 462 -13.13 -20.47 8.85
N ASP D 463 -12.27 -19.49 8.53
CA ASP D 463 -11.87 -19.21 7.15
C ASP D 463 -13.10 -19.12 6.25
N LEU D 464 -14.05 -18.27 6.65
CA LEU D 464 -15.27 -18.13 5.88
C LEU D 464 -15.05 -17.23 4.68
N PRO D 465 -15.84 -17.41 3.62
CA PRO D 465 -15.68 -16.58 2.43
C PRO D 465 -16.52 -15.31 2.52
N LEU D 466 -15.93 -14.16 2.21
CA LEU D 466 -16.71 -12.92 2.29
C LEU D 466 -17.71 -12.88 1.15
N VAL D 467 -18.87 -13.48 1.37
CA VAL D 467 -19.92 -13.53 0.38
C VAL D 467 -20.79 -12.28 0.50
N ARG D 468 -21.57 -12.01 -0.54
CA ARG D 468 -22.48 -10.86 -0.52
C ARG D 468 -23.44 -10.94 0.66
N GLN D 469 -23.94 -12.14 0.96
CA GLN D 469 -24.90 -12.33 2.04
C GLN D 469 -24.66 -13.69 2.68
N ARG D 470 -24.88 -13.74 4.00
CA ARG D 470 -24.70 -14.97 4.76
C ARG D 470 -25.72 -15.00 5.88
N THR D 471 -26.48 -16.08 5.97
CA THR D 471 -27.54 -16.24 6.96
C THR D 471 -27.32 -17.52 7.73
N ILE D 472 -27.37 -17.43 9.06
CA ILE D 472 -27.13 -18.55 9.96
C ILE D 472 -28.33 -18.65 10.89
N SER D 473 -29.14 -19.70 10.70
CA SER D 473 -30.40 -19.89 11.42
C SER D 473 -30.24 -21.04 12.39
N ASN D 474 -30.27 -20.74 13.68
CA ASN D 474 -30.19 -21.73 14.74
C ASN D 474 -31.53 -21.83 15.45
N TRP D 475 -31.94 -23.05 15.79
CA TRP D 475 -33.16 -23.29 16.53
C TRP D 475 -32.98 -24.57 17.34
N GLY D 476 -34.08 -25.07 17.89
CA GLY D 476 -34.04 -26.33 18.62
C GLY D 476 -34.28 -26.14 20.11
N THR D 477 -33.75 -27.06 20.91
CA THR D 477 -33.93 -27.07 22.35
C THR D 477 -32.58 -27.11 23.02
N THR D 478 -32.59 -27.11 24.36
CA THR D 478 -31.35 -27.17 25.11
C THR D 478 -30.66 -28.52 24.98
N LEU D 479 -31.40 -29.56 24.61
CA LEU D 479 -30.84 -30.90 24.49
C LEU D 479 -30.34 -31.23 23.09
N TRP D 480 -30.97 -30.67 22.05
CA TRP D 480 -30.57 -30.92 20.67
C TRP D 480 -30.76 -29.64 19.86
N PRO D 481 -29.83 -28.68 19.99
CA PRO D 481 -29.89 -27.49 19.12
C PRO D 481 -29.62 -27.86 17.67
N ARG D 482 -30.32 -27.18 16.77
CA ARG D 482 -30.18 -27.36 15.33
C ARG D 482 -29.77 -26.04 14.70
N VAL D 483 -29.25 -26.11 13.47
CA VAL D 483 -28.67 -24.93 12.85
C VAL D 483 -28.55 -25.20 11.34
N ALA D 484 -28.80 -24.15 10.56
CA ALA D 484 -28.65 -24.20 9.11
C ALA D 484 -27.92 -22.95 8.63
N GLU D 485 -27.37 -23.02 7.42
CA GLU D 485 -26.57 -21.94 6.87
C GLU D 485 -26.92 -21.75 5.40
N THR D 486 -27.06 -20.48 4.99
CA THR D 486 -27.35 -20.14 3.61
C THR D 486 -26.39 -19.05 3.14
N VAL D 487 -26.20 -19.00 1.82
CA VAL D 487 -25.29 -18.05 1.18
C VAL D 487 -26.01 -17.42 0.00
N LYS D 488 -25.34 -16.47 -0.66
CA LYS D 488 -25.95 -15.74 -1.76
C LYS D 488 -24.92 -14.82 -2.39
N ASN D 489 -24.89 -14.80 -3.72
CA ASN D 489 -24.04 -13.89 -4.48
C ASN D 489 -24.82 -13.26 -5.62
#